data_7JV9
#
_entry.id   7JV9
#
_cell.length_a   231.933
_cell.length_b   93.794
_cell.length_c   54.922
_cell.angle_alpha   90.000
_cell.angle_beta   90.000
_cell.angle_gamma   90.000
#
_symmetry.space_group_name_H-M   'P 21 21 2'
#
loop_
_entity.id
_entity.type
_entity.pdbx_description
1 polymer "5'-nucleotidase"
2 non-polymer 'ZINC ION'
3 non-polymer 'CALCIUM ION'
4 non-polymer 2-acetamido-2-deoxy-beta-D-glucopyranose
5 non-polymer 6-chloro-N-[(2-chlorophenyl)methyl]-1-[5-O-(phosphonomethyl)-beta-D-ribofuranosyl]-1H-pyrazolo[3,4-d]pyrimidin-4-amine
6 non-polymer 'PHOSPHATE ION'
7 water water
#
_entity_poly.entity_id   1
_entity_poly.type   'polypeptide(L)'
_entity_poly.pdbx_seq_one_letter_code
;SMWELTILHTNDVHSRLEQTSEDSSKCVDASRCMGGVARLFTKVQQIRRAEPNVLLLDAGDQYQGTIWFTVYKGAEVAHF
MNALRYDAMALGNHEFDNGVEGLIEPLLKEAKFPILSANIKAKGPLASQISGLYLPYKVLPVGDEVVGIVGYTSKETPFL
SNPGTNLVFEDEITALQPEVDKLKTLNVNKIIALGHSGFEMDKLIAQKVRGVDVVVGGHSNTFLYTGNPPSKEVPAGKYP
FIVTSDDGRKVPVVQAYAFGKYLGYLKIEFDERGNVISSHGNPILLNSSIPEDPSIKADINKWRIKLDDYSTQELGKTIV
YLDGSSQSCRFRECNMGNLICDAMINNNLRHTDEMFWNHVSMCILNGGGIRSPIDERNDGTITWENLAAVLPFGGTFDLV
QLKGSTLKKAFEHSVHRYGQSTGEFLQVGGIHVVYDLSRKPGDRVVKLDVLCTKCRVPSYDPLKMDEVYKVILPNFLANG
GDGFQMIKDELLRHDSGDQDINVVSTYISKMKVIYPAVEGRIKFS
;
_entity_poly.pdbx_strand_id   A,B
#
loop_
_chem_comp.id
_chem_comp.type
_chem_comp.name
_chem_comp.formula
CA non-polymer 'CALCIUM ION' 'Ca 2'
NAG D-saccharide, beta linking 2-acetamido-2-deoxy-beta-D-glucopyranose 'C8 H15 N O6'
PO4 non-polymer 'PHOSPHATE ION' 'O4 P -3'
VPG non-polymer 6-chloro-N-[(2-chlorophenyl)methyl]-1-[5-O-(phosphonomethyl)-beta-D-ribofuranosyl]-1H-pyrazolo[3,4-d]pyrimidin-4-amine 'C18 H20 Cl2 N5 O7 P'
ZN non-polymer 'ZINC ION' 'Zn 2'
#
# COMPACT_ATOMS: atom_id res chain seq x y z
N SER A 1 -2.34 -23.29 65.41
CA SER A 1 -1.73 -21.97 65.03
C SER A 1 -1.85 -21.67 63.52
N MET A 2 -1.44 -20.45 63.15
CA MET A 2 -1.43 -19.99 61.76
C MET A 2 -0.09 -19.33 61.40
N TRP A 3 0.24 -19.40 60.11
CA TRP A 3 1.47 -18.82 59.58
C TRP A 3 1.20 -18.10 58.25
N GLU A 4 1.44 -16.80 58.21
CA GLU A 4 1.14 -16.00 57.01
C GLU A 4 2.39 -15.76 56.15
N LEU A 5 2.28 -16.09 54.87
CA LEU A 5 3.32 -15.84 53.87
C LEU A 5 2.82 -14.93 52.79
N THR A 6 3.58 -13.90 52.50
CA THR A 6 3.28 -12.98 51.40
C THR A 6 4.21 -13.34 50.24
N ILE A 7 3.65 -13.85 49.15
CA ILE A 7 4.43 -14.10 47.92
C ILE A 7 4.33 -12.87 47.03
N LEU A 8 5.48 -12.24 46.82
CA LEU A 8 5.63 -11.18 45.82
C LEU A 8 6.21 -11.82 44.57
N HIS A 9 5.66 -11.49 43.40
CA HIS A 9 6.12 -12.16 42.17
C HIS A 9 6.06 -11.35 40.86
N THR A 10 7.10 -11.52 40.04
CA THR A 10 7.14 -11.00 38.68
C THR A 10 7.37 -12.13 37.66
N ASN A 11 6.92 -11.89 36.45
CA ASN A 11 7.19 -12.76 35.34
C ASN A 11 7.23 -11.94 34.04
N ASP A 12 7.96 -12.45 33.07
CA ASP A 12 8.01 -11.87 31.71
C ASP A 12 8.32 -10.38 31.71
N VAL A 13 9.27 -9.97 32.55
CA VAL A 13 9.72 -8.58 32.62
C VAL A 13 10.35 -8.14 31.29
N HIS A 14 11.03 -9.06 30.61
CA HIS A 14 11.60 -8.83 29.27
C HIS A 14 12.49 -7.57 29.14
N SER A 15 13.45 -7.46 30.04
CA SER A 15 14.44 -6.38 30.03
C SER A 15 13.85 -4.96 30.05
N ARG A 16 12.71 -4.81 30.72
CA ARG A 16 12.11 -3.50 30.96
C ARG A 16 12.65 -2.98 32.29
N LEU A 17 13.96 -2.78 32.34
CA LEU A 17 14.66 -2.34 33.56
C LEU A 17 14.20 -0.94 33.94
N GLU A 18 13.98 -0.13 32.92
CA GLU A 18 13.52 1.24 33.10
C GLU A 18 12.03 1.27 33.08
N GLN A 19 11.48 2.35 33.62
CA GLN A 19 10.04 2.56 33.55
C GLN A 19 9.64 2.72 32.09
N THR A 20 8.39 2.38 31.80
CA THR A 20 7.89 2.29 30.43
C THR A 20 6.55 3.00 30.31
N SER A 21 6.13 3.23 29.07
CA SER A 21 4.76 3.71 28.79
C SER A 21 3.74 2.64 29.20
N GLU A 22 2.48 3.05 29.24
CA GLU A 22 1.33 2.17 29.56
C GLU A 22 1.36 0.83 28.76
N ASP A 23 1.61 0.95 27.45
CA ASP A 23 1.70 -0.18 26.49
C ASP A 23 3.06 -0.90 26.43
N SER A 24 3.94 -0.62 27.41
CA SER A 24 5.30 -1.22 27.49
C SER A 24 6.38 -0.58 26.60
N SER A 25 6.01 0.33 25.69
CA SER A 25 6.99 1.01 24.80
C SER A 25 7.89 1.93 25.62
N LYS A 26 8.86 2.54 24.95
CA LYS A 26 9.79 3.46 25.61
C LYS A 26 9.05 4.60 26.31
N CYS A 27 9.50 4.93 27.52
CA CYS A 27 8.92 6.00 28.33
C CYS A 27 9.26 7.36 27.74
N VAL A 28 8.24 8.21 27.58
CA VAL A 28 8.45 9.60 27.13
C VAL A 28 7.76 10.57 28.11
N ASP A 29 6.44 10.48 28.21
CA ASP A 29 5.67 11.25 29.18
C ASP A 29 5.86 10.58 30.53
N ALA A 30 6.87 11.07 31.28
CA ALA A 30 7.27 10.45 32.58
C ALA A 30 6.17 10.48 33.65
N SER A 31 5.32 11.50 33.61
CA SER A 31 4.17 11.63 34.54
C SER A 31 3.16 10.47 34.48
N ARG A 32 3.08 9.83 33.30
CA ARG A 32 2.19 8.69 33.07
C ARG A 32 2.96 7.36 32.82
N CYS A 33 4.24 7.31 33.21
CA CYS A 33 5.05 6.11 32.98
C CYS A 33 4.90 5.14 34.14
N MET A 34 5.18 3.87 33.83
CA MET A 34 4.90 2.74 34.71
C MET A 34 6.01 1.73 34.71
N GLY A 35 6.06 0.95 35.80
CA GLY A 35 6.98 -0.17 35.92
C GLY A 35 8.41 0.26 36.16
N GLY A 36 9.32 -0.66 35.85
CA GLY A 36 10.76 -0.47 36.05
C GLY A 36 11.24 -0.91 37.42
N VAL A 37 12.50 -1.35 37.48
CA VAL A 37 13.06 -1.91 38.73
C VAL A 37 13.12 -0.90 39.87
N ALA A 38 13.36 0.36 39.54
CA ALA A 38 13.42 1.40 40.56
C ALA A 38 12.10 1.54 41.30
N ARG A 39 11.01 1.57 40.54
CA ARG A 39 9.66 1.68 41.13
C ARG A 39 9.29 0.41 41.88
N LEU A 40 9.59 -0.74 41.28
CA LEU A 40 9.34 -2.04 41.90
C LEU A 40 9.98 -2.13 43.27
N PHE A 41 11.24 -1.74 43.37
CA PHE A 41 12.00 -1.73 44.63
C PHE A 41 11.26 -1.01 45.74
N THR A 42 10.81 0.21 45.46
CA THR A 42 10.01 0.97 46.42
C THR A 42 8.84 0.14 46.96
N LYS A 43 8.07 -0.46 46.05
CA LYS A 43 6.86 -1.18 46.44
C LYS A 43 7.19 -2.42 47.27
N VAL A 44 8.20 -3.16 46.82
CA VAL A 44 8.67 -4.35 47.53
C VAL A 44 9.08 -4.03 48.97
N GLN A 45 9.74 -2.89 49.15
CA GLN A 45 10.21 -2.45 50.46
C GLN A 45 9.08 -2.07 51.40
N GLN A 46 8.03 -1.46 50.85
CA GLN A 46 6.85 -1.10 51.62
C GLN A 46 6.15 -2.33 52.16
N ILE A 47 6.24 -3.40 51.41
CA ILE A 47 5.61 -4.65 51.80
C ILE A 47 6.49 -5.38 52.79
N ARG A 48 7.78 -5.48 52.48
CA ARG A 48 8.76 -6.08 53.40
C ARG A 48 8.72 -5.47 54.80
N ARG A 49 8.54 -4.16 54.87
CA ARG A 49 8.43 -3.42 56.14
C ARG A 49 7.10 -3.63 56.88
N ALA A 50 6.06 -4.00 56.15
CA ALA A 50 4.72 -4.23 56.72
C ALA A 50 4.47 -5.68 57.08
N GLU A 51 5.00 -6.61 56.28
CA GLU A 51 4.81 -8.06 56.48
C GLU A 51 6.09 -8.73 56.97
N PRO A 52 6.00 -9.60 57.98
CA PRO A 52 7.22 -10.26 58.50
C PRO A 52 7.76 -11.41 57.64
N ASN A 53 6.90 -12.16 56.97
CA ASN A 53 7.29 -13.32 56.17
C ASN A 53 7.02 -13.10 54.67
N VAL A 54 8.07 -12.72 53.94
CA VAL A 54 7.97 -12.29 52.54
C VAL A 54 8.96 -13.02 51.63
N LEU A 55 8.49 -13.45 50.47
CA LEU A 55 9.32 -14.01 49.40
C LEU A 55 9.08 -13.27 48.08
N LEU A 56 10.17 -12.86 47.43
CA LEU A 56 10.13 -12.19 46.12
C LEU A 56 10.63 -13.17 45.07
N LEU A 57 9.79 -13.45 44.08
CA LEU A 57 9.97 -14.55 43.12
C LEU A 57 9.84 -14.09 41.67
N ASP A 58 10.66 -14.65 40.80
CA ASP A 58 10.53 -14.43 39.38
C ASP A 58 10.27 -15.75 38.69
N ALA A 59 9.42 -15.70 37.67
CA ALA A 59 8.98 -16.89 36.94
C ALA A 59 9.45 -16.87 35.47
N GLY A 60 10.60 -16.26 35.23
CA GLY A 60 11.27 -16.38 33.94
C GLY A 60 11.04 -15.25 32.98
N ASP A 61 11.82 -15.26 31.91
CA ASP A 61 11.76 -14.28 30.80
C ASP A 61 12.14 -12.85 31.26
N GLN A 62 13.19 -12.78 32.07
CA GLN A 62 13.90 -11.51 32.37
C GLN A 62 14.76 -11.11 31.16
N TYR A 63 15.44 -12.10 30.61
CA TYR A 63 16.22 -11.97 29.38
C TYR A 63 15.35 -11.55 28.19
N GLN A 64 15.94 -10.73 27.34
CA GLN A 64 15.42 -10.36 26.01
C GLN A 64 14.24 -9.40 26.06
N GLY A 65 14.36 -8.29 25.33
CA GLY A 65 13.27 -7.36 25.17
C GLY A 65 13.61 -5.94 24.79
N THR A 66 14.76 -5.45 25.25
CA THR A 66 15.20 -4.07 24.98
C THR A 66 16.71 -4.00 24.84
N ILE A 67 17.21 -2.82 24.47
CA ILE A 67 18.68 -2.59 24.35
C ILE A 67 19.49 -2.88 25.61
N TRP A 68 18.83 -2.85 26.77
CA TRP A 68 19.43 -3.29 28.03
C TRP A 68 20.08 -4.66 27.88
N PHE A 69 19.32 -5.60 27.36
CA PHE A 69 19.82 -6.94 27.08
C PHE A 69 20.79 -7.04 25.89
N THR A 70 20.60 -6.21 24.88
CA THR A 70 21.50 -6.18 23.73
C THR A 70 22.91 -5.76 24.13
N VAL A 71 22.99 -4.76 25.01
CA VAL A 71 24.26 -4.22 25.50
C VAL A 71 24.85 -5.02 26.67
N TYR A 72 24.05 -5.21 27.72
CA TYR A 72 24.54 -5.84 28.97
C TYR A 72 24.39 -7.35 29.04
N LYS A 73 23.65 -7.94 28.11
CA LYS A 73 23.68 -9.40 27.84
C LYS A 73 23.31 -10.30 29.04
N GLY A 74 22.49 -9.78 29.95
CA GLY A 74 22.11 -10.51 31.19
C GLY A 74 22.74 -10.03 32.49
N ALA A 75 23.85 -9.29 32.40
CA ALA A 75 24.52 -8.73 33.58
C ALA A 75 23.66 -7.70 34.31
N GLU A 76 22.86 -6.96 33.56
CA GLU A 76 21.89 -6.01 34.13
C GLU A 76 20.80 -6.72 34.95
N VAL A 77 20.44 -7.93 34.51
CA VAL A 77 19.37 -8.73 35.11
C VAL A 77 19.83 -9.22 36.48
N ALA A 78 20.95 -9.91 36.51
CA ALA A 78 21.63 -10.30 37.75
C ALA A 78 21.81 -9.12 38.69
N HIS A 79 22.42 -8.05 38.21
CA HIS A 79 22.76 -6.88 39.05
C HIS A 79 21.55 -6.25 39.73
N PHE A 80 20.49 -6.00 38.97
CA PHE A 80 19.29 -5.33 39.50
C PHE A 80 18.31 -6.24 40.24
N MET A 81 18.26 -7.52 39.86
CA MET A 81 17.56 -8.55 40.64
C MET A 81 18.25 -8.79 41.99
N ASN A 82 19.58 -8.66 42.01
CA ASN A 82 20.35 -8.73 43.26
C ASN A 82 20.07 -7.55 44.18
N ALA A 83 20.04 -6.36 43.60
CA ALA A 83 19.72 -5.12 44.33
C ALA A 83 18.31 -5.15 44.94
N LEU A 84 17.36 -5.77 44.22
CA LEU A 84 15.99 -5.96 44.74
C LEU A 84 15.87 -7.12 45.75
N ARG A 85 16.92 -7.92 45.88
CA ARG A 85 17.01 -9.04 46.82
C ARG A 85 15.95 -10.08 46.53
N TYR A 86 15.91 -10.52 45.27
CA TYR A 86 15.06 -11.62 44.86
C TYR A 86 15.44 -12.86 45.67
N ASP A 87 14.45 -13.65 46.04
CA ASP A 87 14.66 -14.86 46.84
C ASP A 87 14.85 -16.09 45.95
N ALA A 88 14.22 -16.06 44.77
CA ALA A 88 14.37 -17.14 43.80
C ALA A 88 13.90 -16.74 42.41
N MET A 89 14.41 -17.43 41.40
CA MET A 89 13.97 -17.24 40.03
C MET A 89 13.83 -18.61 39.37
N ALA A 90 12.86 -18.76 38.50
CA ALA A 90 12.76 -19.94 37.64
C ALA A 90 13.28 -19.58 36.26
N LEU A 91 14.05 -20.48 35.67
CA LEU A 91 14.58 -20.28 34.35
C LEU A 91 13.44 -20.24 33.37
N GLY A 92 13.51 -19.30 32.45
CA GLY A 92 12.49 -19.10 31.42
C GLY A 92 13.07 -19.44 30.08
N ASN A 93 12.23 -19.53 29.07
CA ASN A 93 12.67 -19.92 27.74
C ASN A 93 13.61 -18.89 27.09
N HIS A 94 13.41 -17.63 27.43
CA HIS A 94 14.29 -16.56 26.91
C HIS A 94 15.66 -16.46 27.57
N GLU A 95 15.81 -17.07 28.73
CA GLU A 95 17.12 -17.18 29.39
C GLU A 95 18.13 -18.02 28.61
N PHE A 96 17.66 -18.84 27.66
CA PHE A 96 18.51 -19.59 26.73
C PHE A 96 18.68 -18.94 25.33
N ASP A 97 18.39 -17.65 25.23
CA ASP A 97 18.53 -16.93 23.94
C ASP A 97 19.99 -16.79 23.50
N ASN A 98 20.85 -16.39 24.43
CA ASN A 98 22.30 -16.25 24.14
C ASN A 98 23.08 -17.55 24.37
N GLY A 99 22.40 -18.69 24.30
CA GLY A 99 23.02 -19.97 24.54
C GLY A 99 23.16 -20.25 26.01
N VAL A 100 23.68 -21.43 26.30
CA VAL A 100 23.95 -21.87 27.67
C VAL A 100 25.09 -21.04 28.25
N GLU A 101 26.11 -20.79 27.45
CA GLU A 101 27.21 -19.89 27.86
C GLU A 101 26.68 -18.52 28.30
N GLY A 102 25.72 -18.00 27.54
CA GLY A 102 25.04 -16.72 27.84
C GLY A 102 24.08 -16.73 29.01
N LEU A 103 23.77 -17.91 29.52
CA LEU A 103 23.04 -18.08 30.77
C LEU A 103 23.98 -18.16 31.96
N ILE A 104 24.98 -19.03 31.82
CA ILE A 104 25.94 -19.33 32.90
C ILE A 104 26.74 -18.11 33.37
N GLU A 105 27.44 -17.46 32.45
CA GLU A 105 28.48 -16.48 32.84
C GLU A 105 27.92 -15.14 33.34
N PRO A 106 26.90 -14.58 32.67
CA PRO A 106 26.30 -13.37 33.20
C PRO A 106 25.38 -13.63 34.38
N LEU A 107 24.44 -14.57 34.26
CA LEU A 107 23.33 -14.68 35.25
C LEU A 107 23.57 -15.68 36.38
N LEU A 108 23.76 -16.96 36.03
CA LEU A 108 23.87 -18.03 37.03
C LEU A 108 25.08 -17.90 37.94
N LYS A 109 26.18 -17.40 37.40
CA LYS A 109 27.39 -17.19 38.19
C LYS A 109 27.36 -15.88 39.00
N GLU A 110 26.60 -14.87 38.55
CA GLU A 110 26.51 -13.57 39.26
C GLU A 110 25.27 -13.36 40.12
N ALA A 111 24.23 -14.19 39.93
CA ALA A 111 23.02 -14.13 40.76
C ALA A 111 23.26 -14.59 42.20
N LYS A 112 22.77 -13.81 43.16
CA LYS A 112 22.93 -14.09 44.60
C LYS A 112 21.68 -14.75 45.20
N PHE A 113 20.83 -15.27 44.33
CA PHE A 113 19.64 -16.02 44.69
C PHE A 113 19.60 -17.32 43.87
N PRO A 114 18.94 -18.37 44.40
CA PRO A 114 18.86 -19.61 43.66
C PRO A 114 18.04 -19.45 42.38
N ILE A 115 18.51 -20.08 41.31
CA ILE A 115 17.82 -20.10 40.03
C ILE A 115 17.38 -21.52 39.72
N LEU A 116 16.10 -21.73 39.44
CA LEU A 116 15.50 -23.06 39.45
C LEU A 116 14.84 -23.58 38.19
N SER A 117 14.92 -24.91 38.04
CA SER A 117 14.27 -25.68 36.97
C SER A 117 14.52 -27.17 37.22
N ALA A 118 13.45 -27.88 37.54
CA ALA A 118 13.50 -29.31 37.89
C ALA A 118 13.45 -30.21 36.68
N ASN A 119 12.74 -29.78 35.66
CA ASN A 119 12.57 -30.56 34.43
C ASN A 119 13.62 -30.33 33.34
N ILE A 120 14.61 -29.49 33.60
CA ILE A 120 15.75 -29.37 32.70
C ILE A 120 16.82 -30.30 33.23
N LYS A 121 17.20 -31.27 32.40
CA LYS A 121 18.26 -32.22 32.73
C LYS A 121 19.46 -31.96 31.85
N ALA A 122 20.62 -31.87 32.49
CA ALA A 122 21.88 -31.61 31.84
C ALA A 122 22.51 -32.95 31.54
N LYS A 123 23.11 -33.06 30.37
CA LYS A 123 23.70 -34.33 29.90
C LYS A 123 25.03 -34.11 29.17
N GLY A 124 25.88 -35.12 29.21
CA GLY A 124 27.18 -35.08 28.54
C GLY A 124 28.21 -34.24 29.28
N PRO A 125 29.09 -33.51 28.55
CA PRO A 125 30.08 -32.61 29.20
C PRO A 125 29.46 -31.42 29.96
N LEU A 126 28.30 -30.96 29.50
CA LEU A 126 27.60 -29.84 30.13
C LEU A 126 27.22 -30.07 31.59
N ALA A 127 26.89 -31.32 31.94
CA ALA A 127 26.40 -31.70 33.28
C ALA A 127 27.30 -31.25 34.43
N SER A 128 28.58 -31.62 34.35
CA SER A 128 29.60 -31.27 35.36
C SER A 128 29.93 -29.77 35.37
N GLN A 129 29.93 -29.16 34.18
CA GLN A 129 30.12 -27.72 34.00
C GLN A 129 29.04 -26.88 34.71
N ILE A 130 27.78 -27.29 34.55
CA ILE A 130 26.60 -26.58 35.08
C ILE A 130 26.08 -27.12 36.42
N SER A 131 26.77 -28.09 37.02
CA SER A 131 26.32 -28.71 38.26
C SER A 131 26.26 -27.72 39.41
N GLY A 132 25.06 -27.49 39.93
CA GLY A 132 24.84 -26.60 41.09
C GLY A 132 24.46 -25.16 40.74
N LEU A 133 24.76 -24.75 39.52
CA LEU A 133 24.50 -23.39 39.06
C LEU A 133 23.02 -23.10 38.95
N TYR A 134 22.25 -24.09 38.53
CA TYR A 134 20.77 -24.10 38.69
C TYR A 134 20.38 -25.36 39.47
N LEU A 135 19.24 -25.32 40.12
CA LEU A 135 18.79 -26.41 41.01
C LEU A 135 17.32 -26.78 40.73
N PRO A 136 16.93 -28.03 41.01
CA PRO A 136 15.52 -28.39 40.81
C PRO A 136 14.61 -27.70 41.81
N TYR A 137 15.07 -27.63 43.05
CA TYR A 137 14.37 -26.88 44.10
C TYR A 137 15.36 -26.08 44.95
N LYS A 138 14.82 -25.17 45.75
CA LYS A 138 15.56 -24.61 46.89
C LYS A 138 14.66 -24.55 48.10
N VAL A 139 15.22 -24.96 49.24
CA VAL A 139 14.54 -24.86 50.54
C VAL A 139 14.99 -23.57 51.25
N LEU A 140 14.10 -22.56 51.27
CA LEU A 140 14.40 -21.26 51.86
C LEU A 140 13.91 -21.06 53.29
N PRO A 141 14.80 -20.62 54.21
CA PRO A 141 14.27 -20.18 55.51
C PRO A 141 13.46 -18.89 55.40
N VAL A 142 12.30 -18.90 56.07
CA VAL A 142 11.40 -17.75 56.18
C VAL A 142 10.97 -17.69 57.66
N GLY A 143 11.61 -16.80 58.41
CA GLY A 143 11.44 -16.71 59.87
C GLY A 143 11.81 -18.01 60.57
N ASP A 144 10.86 -18.56 61.33
CA ASP A 144 11.05 -19.82 62.03
C ASP A 144 10.61 -21.03 61.19
N GLU A 145 10.11 -20.77 59.99
CA GLU A 145 9.69 -21.82 59.05
C GLU A 145 10.64 -21.93 57.85
N VAL A 146 10.34 -22.92 57.00
CA VAL A 146 11.00 -23.09 55.72
C VAL A 146 9.96 -23.29 54.63
N VAL A 147 10.31 -22.86 53.43
CA VAL A 147 9.43 -22.93 52.25
C VAL A 147 10.20 -23.51 51.08
N GLY A 148 9.78 -24.69 50.63
CA GLY A 148 10.37 -25.31 49.46
C GLY A 148 9.86 -24.64 48.19
N ILE A 149 10.77 -24.30 47.29
CA ILE A 149 10.41 -23.72 46.00
C ILE A 149 11.01 -24.62 44.94
N VAL A 150 10.14 -25.12 44.06
CA VAL A 150 10.48 -26.10 43.04
C VAL A 150 10.26 -25.48 41.66
N GLY A 151 11.23 -25.68 40.79
CA GLY A 151 11.30 -24.91 39.54
C GLY A 151 10.84 -25.71 38.35
N TYR A 152 10.33 -25.02 37.34
CA TYR A 152 10.04 -25.67 36.07
C TYR A 152 10.10 -24.72 34.90
N THR A 153 10.35 -25.27 33.71
CA THR A 153 10.52 -24.49 32.46
C THR A 153 9.79 -25.16 31.30
N SER A 154 9.28 -24.34 30.38
CA SER A 154 8.45 -24.81 29.25
C SER A 154 9.15 -25.85 28.42
N LYS A 155 8.42 -26.91 28.08
CA LYS A 155 8.92 -27.99 27.20
C LYS A 155 9.07 -27.53 25.72
N GLU A 156 8.45 -26.39 25.39
CA GLU A 156 8.61 -25.73 24.07
C GLU A 156 9.93 -24.98 23.88
N THR A 157 10.79 -24.93 24.92
CA THR A 157 11.99 -24.08 24.93
C THR A 157 13.02 -24.39 23.83
N PRO A 158 13.23 -25.68 23.49
CA PRO A 158 14.12 -25.99 22.35
C PRO A 158 13.64 -25.53 20.96
N PHE A 159 12.33 -25.24 20.81
CA PHE A 159 11.75 -24.72 19.55
C PHE A 159 11.66 -23.18 19.52
N LEU A 160 11.80 -22.57 20.69
CA LEU A 160 11.67 -21.10 20.88
C LEU A 160 12.96 -20.39 21.26
N SER A 161 14.06 -21.12 21.38
CA SER A 161 15.31 -20.53 21.86
C SER A 161 16.50 -21.40 21.47
N ASN A 162 17.60 -21.27 22.21
CA ASN A 162 18.87 -21.94 21.88
C ASN A 162 19.53 -22.61 23.11
N PRO A 163 18.82 -23.56 23.75
CA PRO A 163 19.39 -24.29 24.88
C PRO A 163 20.44 -25.36 24.53
N GLY A 164 20.53 -25.73 23.25
CA GLY A 164 21.50 -26.74 22.80
C GLY A 164 20.99 -28.17 22.97
N THR A 165 21.74 -29.10 22.38
CA THR A 165 21.39 -30.54 22.41
C THR A 165 21.87 -31.29 23.65
N ASN A 166 22.54 -30.60 24.57
CA ASN A 166 22.93 -31.20 25.86
C ASN A 166 21.90 -31.01 26.98
N LEU A 167 20.96 -30.09 26.79
CA LEU A 167 19.85 -29.91 27.73
C LEU A 167 18.58 -30.61 27.24
N VAL A 168 18.02 -31.44 28.10
CA VAL A 168 16.77 -32.16 27.84
C VAL A 168 15.69 -31.53 28.70
N PHE A 169 14.60 -31.11 28.06
CA PHE A 169 13.48 -30.49 28.76
C PHE A 169 12.39 -31.54 28.94
N GLU A 170 12.39 -32.16 30.13
CA GLU A 170 11.42 -33.22 30.48
C GLU A 170 10.02 -32.64 30.70
N ASP A 171 9.02 -33.52 30.70
CA ASP A 171 7.66 -33.15 31.06
C ASP A 171 7.67 -32.65 32.51
N GLU A 172 6.91 -31.57 32.75
CA GLU A 172 6.93 -30.86 34.02
C GLU A 172 6.37 -31.70 35.17
N ILE A 173 5.16 -32.21 34.99
CA ILE A 173 4.45 -33.03 36.01
C ILE A 173 5.28 -34.27 36.44
N THR A 174 5.83 -34.97 35.46
CA THR A 174 6.71 -36.11 35.71
C THR A 174 7.94 -35.68 36.51
N ALA A 175 8.54 -34.57 36.11
CA ALA A 175 9.78 -34.06 36.70
C ALA A 175 9.57 -33.55 38.11
N LEU A 176 8.41 -32.94 38.33
CA LEU A 176 8.12 -32.24 39.57
C LEU A 176 7.79 -33.16 40.74
N GLN A 177 7.00 -34.20 40.46
CA GLN A 177 6.40 -35.01 41.52
C GLN A 177 7.44 -35.68 42.44
N PRO A 178 8.51 -36.27 41.88
CA PRO A 178 9.55 -36.82 42.75
C PRO A 178 10.24 -35.76 43.60
N GLU A 179 10.42 -34.56 43.03
CA GLU A 179 11.05 -33.44 43.76
C GLU A 179 10.16 -32.96 44.91
N VAL A 180 8.87 -32.82 44.65
CA VAL A 180 7.89 -32.45 45.69
C VAL A 180 7.77 -33.54 46.76
N ASP A 181 7.75 -34.79 46.33
CA ASP A 181 7.80 -35.93 47.27
C ASP A 181 9.09 -35.94 48.10
N LYS A 182 10.23 -35.71 47.44
CA LYS A 182 11.54 -35.65 48.11
C LYS A 182 11.48 -34.64 49.24
N LEU A 183 10.99 -33.45 48.91
CA LEU A 183 10.80 -32.39 49.90
C LEU A 183 9.95 -32.80 51.10
N LYS A 184 8.84 -33.51 50.84
CA LYS A 184 7.97 -33.99 51.94
C LYS A 184 8.74 -34.86 52.93
N THR A 185 9.55 -35.78 52.40
CA THR A 185 10.38 -36.67 53.22
C THR A 185 11.47 -35.91 53.98
N LEU A 186 11.85 -34.74 53.48
CA LEU A 186 12.70 -33.79 54.22
C LEU A 186 11.95 -32.82 55.16
N ASN A 187 10.74 -33.21 55.60
CA ASN A 187 9.88 -32.40 56.48
C ASN A 187 9.71 -30.96 56.02
N VAL A 188 9.47 -30.79 54.71
CA VAL A 188 9.14 -29.49 54.11
C VAL A 188 7.66 -29.52 53.74
N ASN A 189 6.84 -28.90 54.60
CA ASN A 189 5.37 -28.99 54.49
C ASN A 189 4.71 -27.89 53.64
N LYS A 190 5.47 -26.82 53.32
CA LYS A 190 5.00 -25.70 52.48
C LYS A 190 5.77 -25.68 51.17
N ILE A 191 5.06 -25.86 50.06
CA ILE A 191 5.70 -26.06 48.76
C ILE A 191 5.09 -25.14 47.69
N ILE A 192 5.96 -24.32 47.10
CA ILE A 192 5.63 -23.41 46.02
C ILE A 192 6.26 -23.93 44.73
N ALA A 193 5.45 -23.99 43.67
CA ALA A 193 5.94 -24.36 42.35
C ALA A 193 6.09 -23.06 41.60
N LEU A 194 7.33 -22.68 41.31
CA LEU A 194 7.65 -21.47 40.55
C LEU A 194 8.22 -21.87 39.19
N GLY A 195 7.53 -21.48 38.11
CA GLY A 195 7.99 -21.85 36.78
C GLY A 195 7.42 -21.12 35.59
N HIS A 196 7.85 -21.55 34.40
CA HIS A 196 7.65 -20.83 33.15
C HIS A 196 7.08 -21.69 32.01
N SER A 197 5.84 -22.14 32.18
CA SER A 197 5.20 -23.01 31.19
C SER A 197 3.88 -22.51 30.63
N GLY A 198 3.24 -21.57 31.31
CA GLY A 198 1.98 -21.01 30.86
C GLY A 198 0.86 -21.35 31.82
N PHE A 199 -0.17 -20.51 31.79
CA PHE A 199 -1.29 -20.57 32.72
C PHE A 199 -2.01 -21.91 32.68
N GLU A 200 -2.17 -22.44 31.47
CA GLU A 200 -2.79 -23.77 31.27
C GLU A 200 -1.98 -24.90 31.89
N MET A 201 -0.67 -24.90 31.68
CA MET A 201 0.23 -25.89 32.32
C MET A 201 0.30 -25.67 33.82
N ASP A 202 0.25 -24.41 34.25
CA ASP A 202 0.26 -24.08 35.68
C ASP A 202 -0.95 -24.70 36.37
N LYS A 203 -2.10 -24.64 35.68
CA LYS A 203 -3.34 -25.21 36.21
C LYS A 203 -3.25 -26.74 36.37
N LEU A 204 -2.82 -27.40 35.30
CA LEU A 204 -2.54 -28.86 35.32
C LEU A 204 -1.61 -29.27 36.45
N ILE A 205 -0.56 -28.49 36.65
CA ILE A 205 0.41 -28.72 37.72
C ILE A 205 -0.28 -28.71 39.08
N ALA A 206 -1.05 -27.67 39.33
CA ALA A 206 -1.84 -27.50 40.57
C ALA A 206 -2.79 -28.68 40.80
N GLN A 207 -3.40 -29.15 39.73
CA GLN A 207 -4.31 -30.31 39.81
C GLN A 207 -3.56 -31.63 40.05
N LYS A 208 -2.55 -31.86 39.21
CA LYS A 208 -1.92 -33.18 39.11
C LYS A 208 -0.79 -33.43 40.12
N VAL A 209 -0.02 -32.39 40.45
CA VAL A 209 1.19 -32.56 41.28
C VAL A 209 0.86 -32.55 42.77
N ARG A 210 0.71 -33.73 43.35
CA ARG A 210 0.46 -33.88 44.80
C ARG A 210 1.54 -33.19 45.66
N GLY A 211 1.09 -32.50 46.70
CA GLY A 211 1.99 -31.77 47.62
C GLY A 211 2.17 -30.28 47.39
N VAL A 212 1.91 -29.81 46.15
CA VAL A 212 2.06 -28.40 45.78
C VAL A 212 0.96 -27.55 46.40
N ASP A 213 1.35 -26.49 47.09
CA ASP A 213 0.42 -25.64 47.81
C ASP A 213 0.04 -24.39 47.01
N VAL A 214 0.92 -23.94 46.13
CA VAL A 214 0.77 -22.69 45.36
C VAL A 214 1.55 -22.83 44.05
N VAL A 215 0.99 -22.29 42.97
CA VAL A 215 1.69 -22.26 41.68
C VAL A 215 1.84 -20.79 41.25
N VAL A 216 3.09 -20.37 41.06
CA VAL A 216 3.42 -19.00 40.61
C VAL A 216 4.08 -19.13 39.25
N GLY A 217 3.38 -18.68 38.21
CA GLY A 217 3.82 -18.91 36.84
C GLY A 217 4.17 -17.69 36.03
N GLY A 218 4.37 -17.95 34.75
CA GLY A 218 4.67 -16.93 33.73
C GLY A 218 4.46 -17.49 32.31
N HIS A 219 5.19 -16.92 31.35
CA HIS A 219 5.26 -17.37 29.92
C HIS A 219 4.08 -16.96 29.04
N SER A 220 2.86 -17.25 29.50
CA SER A 220 1.62 -16.88 28.81
C SER A 220 1.12 -15.41 28.96
N ASN A 221 1.85 -14.57 29.69
CA ASN A 221 1.52 -13.12 29.86
C ASN A 221 0.10 -12.89 30.43
N THR A 222 -0.30 -13.77 31.32
CA THR A 222 -1.66 -13.81 31.86
C THR A 222 -1.83 -12.75 32.93
N PHE A 223 -2.91 -12.00 32.81
CA PHE A 223 -3.32 -11.05 33.81
C PHE A 223 -4.52 -11.65 34.52
N LEU A 224 -4.38 -11.79 35.83
CA LEU A 224 -5.44 -12.26 36.71
C LEU A 224 -5.80 -11.11 37.64
N TYR A 225 -7.08 -10.98 37.96
CA TYR A 225 -7.54 -9.92 38.87
C TYR A 225 -8.90 -10.22 39.53
N THR A 226 -8.98 -9.88 40.82
CA THR A 226 -10.21 -9.98 41.60
C THR A 226 -10.73 -8.56 41.78
N GLY A 227 -11.80 -8.23 41.06
CA GLY A 227 -12.45 -6.91 41.08
C GLY A 227 -12.22 -6.13 39.79
N ASN A 228 -12.44 -4.81 39.84
CA ASN A 228 -12.27 -3.93 38.67
C ASN A 228 -10.80 -3.64 38.38
N PRO A 229 -10.29 -4.09 37.22
CA PRO A 229 -8.84 -3.92 36.95
C PRO A 229 -8.42 -2.46 36.73
N PRO A 230 -7.19 -2.10 37.16
CA PRO A 230 -6.74 -0.69 37.19
C PRO A 230 -6.22 -0.07 35.89
N SER A 231 -6.07 -0.88 34.84
CA SER A 231 -5.53 -0.43 33.54
C SER A 231 -6.25 -1.09 32.33
N LYS A 232 -5.56 -1.12 31.18
CA LYS A 232 -6.12 -1.67 29.92
C LYS A 232 -6.14 -3.21 29.79
N GLU A 233 -5.44 -3.91 30.67
CA GLU A 233 -5.33 -5.37 30.62
C GLU A 233 -6.61 -6.04 31.12
N VAL A 234 -7.15 -6.94 30.29
CA VAL A 234 -8.41 -7.62 30.56
C VAL A 234 -8.10 -8.91 31.33
N PRO A 235 -8.69 -9.09 32.54
CA PRO A 235 -8.40 -10.29 33.30
C PRO A 235 -8.94 -11.58 32.67
N ALA A 236 -8.10 -12.61 32.69
CA ALA A 236 -8.45 -13.96 32.22
C ALA A 236 -9.11 -14.80 33.31
N GLY A 237 -9.08 -14.32 34.56
CA GLY A 237 -9.71 -15.00 35.69
C GLY A 237 -9.41 -14.29 37.00
N LYS A 238 -9.87 -14.88 38.09
CA LYS A 238 -9.69 -14.29 39.42
C LYS A 238 -8.24 -14.45 39.91
N TYR A 239 -7.81 -13.56 40.80
CA TYR A 239 -6.51 -13.64 41.45
C TYR A 239 -6.70 -13.90 42.95
N PRO A 240 -6.21 -15.04 43.48
CA PRO A 240 -5.55 -16.15 42.80
C PRO A 240 -6.57 -17.02 42.06
N PHE A 241 -6.13 -17.71 41.02
CA PHE A 241 -7.00 -18.67 40.33
C PHE A 241 -6.97 -19.96 41.13
N ILE A 242 -8.11 -20.34 41.67
CA ILE A 242 -8.25 -21.55 42.47
C ILE A 242 -8.42 -22.75 41.55
N VAL A 243 -7.48 -23.68 41.64
CA VAL A 243 -7.60 -25.01 41.04
C VAL A 243 -7.95 -25.95 42.18
N THR A 244 -8.88 -26.85 41.89
CA THR A 244 -9.30 -27.88 42.82
C THR A 244 -8.53 -29.14 42.44
N SER A 245 -7.66 -29.58 43.33
CA SER A 245 -6.72 -30.65 43.03
C SER A 245 -7.35 -32.03 43.09
N ASP A 246 -6.73 -32.97 42.37
CA ASP A 246 -7.07 -34.40 42.42
C ASP A 246 -7.05 -34.98 43.85
N ASP A 247 -6.10 -34.51 44.68
CA ASP A 247 -6.00 -34.92 46.10
C ASP A 247 -6.82 -34.04 47.08
N GLY A 248 -7.86 -33.37 46.56
CA GLY A 248 -8.91 -32.78 47.39
C GLY A 248 -8.66 -31.42 48.01
N ARG A 249 -7.78 -30.63 47.40
CA ARG A 249 -7.34 -29.35 47.97
C ARG A 249 -7.49 -28.16 47.03
N LYS A 250 -7.67 -26.98 47.61
CA LYS A 250 -7.77 -25.74 46.86
C LYS A 250 -6.35 -25.15 46.67
N VAL A 251 -5.88 -25.12 45.42
CA VAL A 251 -4.53 -24.68 45.07
C VAL A 251 -4.56 -23.36 44.33
N PRO A 252 -4.03 -22.27 44.93
CA PRO A 252 -3.97 -21.00 44.20
C PRO A 252 -2.92 -20.95 43.11
N VAL A 253 -3.37 -20.64 41.90
CA VAL A 253 -2.51 -20.38 40.75
C VAL A 253 -2.46 -18.87 40.50
N VAL A 254 -1.25 -18.34 40.32
CA VAL A 254 -1.06 -16.90 40.07
C VAL A 254 -0.10 -16.58 38.93
N GLN A 255 -0.28 -15.38 38.39
CA GLN A 255 0.61 -14.82 37.37
C GLN A 255 0.43 -13.32 37.46
N ALA A 256 1.37 -12.56 36.91
CA ALA A 256 1.38 -11.10 37.06
C ALA A 256 1.60 -10.34 35.76
N TYR A 257 0.86 -10.74 34.72
CA TYR A 257 0.94 -10.16 33.36
C TYR A 257 2.37 -10.19 32.76
N ALA A 258 3.05 -9.05 32.72
CA ALA A 258 4.26 -8.90 31.91
C ALA A 258 4.84 -7.50 32.02
N PHE A 259 6.08 -7.39 31.56
CA PHE A 259 6.80 -6.10 31.37
C PHE A 259 7.10 -5.29 32.64
N GLY A 260 6.97 -5.91 33.80
CA GLY A 260 7.19 -5.22 35.09
C GLY A 260 6.16 -4.15 35.41
N LYS A 261 5.02 -4.21 34.73
CA LYS A 261 3.95 -3.22 34.89
C LYS A 261 3.17 -3.47 36.20
N TYR A 262 3.06 -4.73 36.62
CA TYR A 262 2.46 -5.10 37.89
C TYR A 262 3.44 -5.90 38.76
N LEU A 263 3.37 -5.67 40.07
CA LEU A 263 3.99 -6.57 41.06
C LEU A 263 2.89 -7.48 41.57
N GLY A 264 3.08 -8.78 41.43
CA GLY A 264 2.14 -9.74 41.95
C GLY A 264 2.23 -9.78 43.46
N TYR A 265 1.09 -9.96 44.11
CA TYR A 265 0.99 -9.91 45.58
C TYR A 265 -0.06 -10.89 46.08
N LEU A 266 0.39 -11.98 46.69
CA LEU A 266 -0.50 -13.00 47.27
C LEU A 266 -0.16 -13.24 48.75
N LYS A 267 -1.10 -13.01 49.65
CA LYS A 267 -0.98 -13.42 51.06
C LYS A 267 -1.58 -14.82 51.20
N ILE A 268 -0.75 -15.80 51.54
CA ILE A 268 -1.17 -17.16 51.87
C ILE A 268 -1.25 -17.28 53.39
N GLU A 269 -2.29 -17.93 53.88
CA GLU A 269 -2.44 -18.21 55.31
C GLU A 269 -2.38 -19.74 55.50
N PHE A 270 -1.33 -20.19 56.19
CA PHE A 270 -1.01 -21.61 56.36
C PHE A 270 -1.33 -22.07 57.77
N ASP A 271 -1.64 -23.35 57.91
CA ASP A 271 -1.67 -23.99 59.24
C ASP A 271 -0.26 -24.55 59.60
N GLU A 272 -0.14 -25.08 60.82
CA GLU A 272 1.13 -25.68 61.31
C GLU A 272 1.62 -26.92 60.54
N ARG A 273 0.80 -27.46 59.65
CA ARG A 273 1.19 -28.58 58.78
C ARG A 273 1.35 -28.16 57.30
N GLY A 274 1.43 -26.85 57.04
CA GLY A 274 1.67 -26.34 55.70
C GLY A 274 0.55 -26.45 54.66
N ASN A 275 -0.67 -26.59 55.16
CA ASN A 275 -1.87 -26.56 54.32
C ASN A 275 -2.39 -25.14 54.19
N VAL A 276 -2.85 -24.81 52.98
CA VAL A 276 -3.41 -23.50 52.70
C VAL A 276 -4.83 -23.44 53.26
N ILE A 277 -5.00 -22.59 54.26
CA ILE A 277 -6.33 -22.29 54.85
C ILE A 277 -7.07 -21.27 53.99
N SER A 278 -6.35 -20.24 53.57
CA SER A 278 -6.89 -19.21 52.69
C SER A 278 -5.77 -18.45 52.00
N SER A 279 -6.11 -17.80 50.90
CA SER A 279 -5.19 -16.90 50.21
C SER A 279 -5.99 -15.79 49.54
N HIS A 280 -5.43 -14.60 49.58
CA HIS A 280 -6.03 -13.45 48.90
C HIS A 280 -4.95 -12.53 48.35
N GLY A 281 -5.34 -11.74 47.37
CA GLY A 281 -4.49 -10.63 46.92
C GLY A 281 -4.90 -10.08 45.58
N ASN A 282 -3.96 -9.37 44.98
CA ASN A 282 -4.11 -8.86 43.61
C ASN A 282 -2.77 -8.36 43.11
N PRO A 283 -2.61 -8.22 41.78
CA PRO A 283 -1.36 -7.66 41.30
C PRO A 283 -1.42 -6.15 41.46
N ILE A 284 -0.31 -5.56 41.89
CA ILE A 284 -0.23 -4.15 42.24
C ILE A 284 0.24 -3.40 41.00
N LEU A 285 -0.53 -2.42 40.55
CA LEU A 285 -0.16 -1.63 39.39
C LEU A 285 0.99 -0.68 39.78
N LEU A 286 2.15 -0.87 39.14
CA LEU A 286 3.33 -0.04 39.41
C LEU A 286 3.28 1.25 38.57
N ASN A 287 2.46 2.20 39.02
CA ASN A 287 2.25 3.48 38.32
C ASN A 287 2.89 4.68 39.04
N SER A 288 2.80 5.85 38.41
CA SER A 288 3.42 7.10 38.92
C SER A 288 3.14 7.47 40.39
N SER A 289 2.03 6.98 40.96
CA SER A 289 1.74 7.10 42.42
C SER A 289 2.79 6.45 43.32
N ILE A 290 3.45 5.41 42.81
CA ILE A 290 4.60 4.77 43.46
C ILE A 290 5.88 5.41 42.94
N PRO A 291 6.63 6.08 43.83
CA PRO A 291 7.83 6.75 43.34
C PRO A 291 8.95 5.76 43.05
N GLU A 292 9.76 6.09 42.06
CA GLU A 292 11.00 5.36 41.83
C GLU A 292 11.90 5.54 43.05
N ASP A 293 12.51 4.46 43.53
CA ASP A 293 13.52 4.54 44.58
C ASP A 293 14.70 5.37 44.09
N PRO A 294 15.12 6.38 44.86
CA PRO A 294 16.20 7.27 44.39
C PRO A 294 17.52 6.55 44.08
N SER A 295 17.95 5.66 44.98
CA SER A 295 19.22 4.92 44.83
C SER A 295 19.27 4.02 43.61
N ILE A 296 18.25 3.19 43.45
CA ILE A 296 18.14 2.28 42.29
C ILE A 296 18.06 3.05 40.98
N LYS A 297 17.24 4.11 40.96
CA LYS A 297 17.10 5.00 39.80
C LYS A 297 18.44 5.62 39.39
N ALA A 298 19.20 6.06 40.40
CA ALA A 298 20.55 6.63 40.16
C ALA A 298 21.48 5.58 39.57
N ASP A 299 21.38 4.38 40.11
CA ASP A 299 22.14 3.23 39.61
C ASP A 299 21.71 2.87 38.17
N ILE A 300 20.40 2.94 37.89
CA ILE A 300 19.87 2.70 36.55
C ILE A 300 20.42 3.71 35.55
N ASN A 301 20.41 4.97 35.94
CA ASN A 301 20.96 6.07 35.14
C ASN A 301 22.46 5.92 34.86
N LYS A 302 23.21 5.40 35.83
CA LYS A 302 24.65 5.13 35.66
C LYS A 302 24.89 4.10 34.53
N TRP A 303 24.15 3.00 34.60
CA TRP A 303 24.14 1.95 33.57
C TRP A 303 23.50 2.41 32.26
N ARG A 304 22.56 3.35 32.35
CA ARG A 304 21.89 3.93 31.17
C ARG A 304 22.86 4.61 30.19
N ILE A 305 23.88 5.27 30.74
CA ILE A 305 24.85 6.10 29.97
C ILE A 305 25.32 5.38 28.70
N LYS A 306 25.71 4.11 28.84
CA LYS A 306 26.21 3.31 27.71
C LYS A 306 25.16 3.11 26.61
N LEU A 307 23.89 3.04 27.01
CA LEU A 307 22.75 2.81 26.12
C LEU A 307 22.36 3.98 25.22
N ASP A 308 22.62 5.21 25.67
CA ASP A 308 22.19 6.45 24.95
C ASP A 308 22.75 6.60 23.51
N ASP A 309 23.76 5.81 23.17
CA ASP A 309 24.26 5.69 21.78
C ASP A 309 23.19 5.21 20.78
N TYR A 310 22.31 4.33 21.25
CA TYR A 310 21.22 3.74 20.46
C TYR A 310 19.94 4.62 20.36
N SER A 311 19.86 5.68 21.16
CA SER A 311 18.72 6.62 21.17
C SER A 311 18.97 7.97 20.46
N THR A 312 20.23 8.32 20.22
CA THR A 312 20.62 9.65 19.73
C THR A 312 20.09 9.97 18.33
N GLN A 313 20.47 9.13 17.36
CA GLN A 313 20.18 9.38 15.95
C GLN A 313 18.73 9.03 15.62
N GLU A 314 17.96 10.05 15.27
CA GLU A 314 16.59 9.86 14.78
C GLU A 314 16.65 9.22 13.38
N LEU A 315 16.17 7.97 13.25
CA LEU A 315 16.08 7.29 11.95
C LEU A 315 15.00 7.90 11.09
N GLY A 316 13.87 8.21 11.72
CA GLY A 316 12.79 8.90 11.03
C GLY A 316 11.66 9.30 11.96
N LYS A 317 10.43 9.13 11.48
CA LYS A 317 9.27 9.69 12.14
C LYS A 317 8.03 8.90 11.73
N THR A 318 7.19 8.53 12.68
CA THR A 318 5.85 8.04 12.37
C THR A 318 4.81 9.09 12.70
N ILE A 319 3.76 9.15 11.89
CA ILE A 319 2.61 10.04 12.16
C ILE A 319 1.35 9.25 12.48
N VAL A 320 1.53 7.96 12.75
CA VAL A 320 0.45 7.12 13.25
C VAL A 320 1.00 6.22 14.34
N TYR A 321 0.12 5.81 15.27
CA TYR A 321 0.47 4.78 16.27
C TYR A 321 0.87 3.50 15.55
N LEU A 322 2.06 3.01 15.89
CA LEU A 322 2.55 1.75 15.33
C LEU A 322 2.19 0.63 16.30
N ASP A 323 1.08 -0.02 16.00
CA ASP A 323 0.48 -1.05 16.86
C ASP A 323 1.18 -2.40 16.75
N GLY A 324 2.24 -2.55 17.53
CA GLY A 324 2.97 -3.83 17.69
C GLY A 324 2.65 -4.61 18.97
N SER A 325 1.43 -4.46 19.48
CA SER A 325 0.96 -5.23 20.62
C SER A 325 0.59 -6.67 20.24
N SER A 326 0.86 -7.60 21.16
CA SER A 326 0.36 -8.99 21.13
C SER A 326 -1.13 -9.10 20.84
N GLN A 327 -1.91 -8.20 21.42
CA GLN A 327 -3.36 -8.29 21.32
C GLN A 327 -3.84 -7.98 19.90
N SER A 328 -3.15 -7.09 19.21
CA SER A 328 -3.46 -6.83 17.79
C SER A 328 -2.79 -7.87 16.89
N CYS A 329 -1.46 -7.90 16.94
CA CYS A 329 -0.63 -8.66 15.97
C CYS A 329 -0.73 -10.20 15.99
N ARG A 330 -1.28 -10.77 17.06
CA ARG A 330 -1.57 -12.20 17.14
C ARG A 330 -3.00 -12.59 16.80
N PHE A 331 -3.91 -11.61 16.86
CA PHE A 331 -5.34 -11.83 16.61
C PHE A 331 -5.87 -11.27 15.29
N ARG A 332 -5.23 -10.24 14.76
CA ARG A 332 -5.71 -9.59 13.55
C ARG A 332 -4.59 -8.83 12.85
N GLU A 333 -4.93 -8.23 11.72
CA GLU A 333 -4.00 -7.38 10.96
C GLU A 333 -3.56 -6.22 11.83
N CYS A 334 -2.26 -6.01 11.89
CA CYS A 334 -1.69 -4.90 12.65
C CYS A 334 -0.75 -4.12 11.75
N ASN A 335 -0.85 -2.80 11.83
CA ASN A 335 -0.10 -1.92 10.95
C ASN A 335 1.43 -1.96 11.12
N MET A 336 1.91 -2.25 12.33
CA MET A 336 3.34 -2.55 12.51
C MET A 336 3.74 -3.78 11.69
N GLY A 337 2.85 -4.76 11.63
CA GLY A 337 3.03 -5.94 10.76
C GLY A 337 3.22 -5.54 9.31
N ASN A 338 2.30 -4.74 8.80
CA ASN A 338 2.38 -4.20 7.44
C ASN A 338 3.62 -3.36 7.15
N LEU A 339 4.03 -2.56 8.14
CA LEU A 339 5.28 -1.80 8.06
C LEU A 339 6.49 -2.72 7.88
N ILE A 340 6.57 -3.73 8.72
CA ILE A 340 7.71 -4.65 8.71
C ILE A 340 7.77 -5.43 7.39
N CYS A 341 6.63 -5.92 6.91
CA CYS A 341 6.59 -6.67 5.64
C CYS A 341 6.91 -5.79 4.42
N ASP A 342 6.29 -4.62 4.38
CA ASP A 342 6.56 -3.64 3.33
C ASP A 342 8.05 -3.25 3.26
N ALA A 343 8.68 -3.19 4.42
CA ALA A 343 10.12 -2.94 4.53
C ALA A 343 10.95 -4.14 4.05
N MET A 344 10.51 -5.34 4.43
CA MET A 344 11.12 -6.57 3.95
C MET A 344 11.13 -6.60 2.43
N ILE A 345 9.97 -6.39 1.86
CA ILE A 345 9.78 -6.34 0.41
C ILE A 345 10.63 -5.23 -0.21
N ASN A 346 10.52 -4.02 0.32
CA ASN A 346 11.17 -2.83 -0.24
C ASN A 346 12.68 -2.91 -0.25
N ASN A 347 13.24 -3.26 0.90
CA ASN A 347 14.69 -3.41 1.08
C ASN A 347 15.30 -4.49 0.20
N ASN A 348 14.57 -5.59 0.02
CA ASN A 348 15.01 -6.65 -0.90
C ASN A 348 15.16 -6.16 -2.35
N LEU A 349 14.21 -5.33 -2.78
CA LEU A 349 14.22 -4.75 -4.14
C LEU A 349 15.37 -3.77 -4.43
N ARG A 350 16.03 -3.26 -3.38
CA ARG A 350 17.27 -2.49 -3.53
C ARG A 350 18.39 -3.37 -4.14
N HIS A 351 18.47 -4.63 -3.73
CA HIS A 351 19.44 -5.60 -4.31
C HIS A 351 19.04 -6.00 -5.73
N THR A 352 19.41 -5.14 -6.69
CA THR A 352 19.09 -5.33 -8.11
C THR A 352 20.04 -6.28 -8.85
N ASP A 353 21.30 -6.33 -8.40
CA ASP A 353 22.32 -7.25 -8.99
C ASP A 353 21.93 -8.74 -8.85
N GLU A 354 21.21 -9.07 -7.78
CA GLU A 354 20.63 -10.42 -7.59
C GLU A 354 19.37 -10.59 -8.46
N MET A 355 19.45 -11.51 -9.42
CA MET A 355 18.41 -11.69 -10.43
C MET A 355 17.15 -12.42 -9.92
N PHE A 356 17.33 -13.38 -9.02
CA PHE A 356 16.24 -14.32 -8.66
C PHE A 356 15.11 -13.75 -7.79
N TRP A 357 15.47 -12.82 -6.91
CA TRP A 357 14.52 -12.27 -5.95
C TRP A 357 14.10 -10.80 -6.19
N ASN A 358 14.50 -10.20 -7.31
CA ASN A 358 14.25 -8.77 -7.55
C ASN A 358 12.82 -8.39 -8.04
N HIS A 359 11.90 -9.36 -8.08
CA HIS A 359 10.45 -9.08 -8.21
C HIS A 359 9.64 -9.74 -7.08
N VAL A 360 10.29 -10.02 -5.95
CA VAL A 360 9.59 -10.58 -4.78
C VAL A 360 8.68 -9.52 -4.21
N SER A 361 7.39 -9.86 -4.15
CA SER A 361 6.36 -8.95 -3.65
C SER A 361 5.48 -9.52 -2.53
N MET A 362 5.79 -10.75 -2.08
CA MET A 362 5.01 -11.45 -1.06
C MET A 362 5.78 -11.68 0.25
N CYS A 363 5.12 -11.41 1.37
CA CYS A 363 5.75 -11.47 2.69
C CYS A 363 4.85 -12.14 3.68
N ILE A 364 5.41 -13.00 4.54
CA ILE A 364 4.69 -13.50 5.74
C ILE A 364 5.57 -13.34 6.97
N LEU A 365 4.94 -12.94 8.07
CA LEU A 365 5.61 -12.52 9.29
C LEU A 365 4.86 -13.02 10.52
N ASN A 366 5.51 -13.84 11.33
CA ASN A 366 4.88 -14.36 12.56
C ASN A 366 4.62 -13.21 13.51
N GLY A 367 3.35 -13.00 13.84
CA GLY A 367 2.93 -11.93 14.75
C GLY A 367 3.60 -11.93 16.10
N GLY A 368 3.91 -13.12 16.61
CA GLY A 368 4.66 -13.28 17.85
C GLY A 368 6.08 -12.74 17.86
N GLY A 369 6.65 -12.53 16.68
CA GLY A 369 7.97 -11.89 16.55
C GLY A 369 7.97 -10.38 16.73
N ILE A 370 6.77 -9.78 16.70
CA ILE A 370 6.55 -8.35 16.91
C ILE A 370 6.32 -8.14 18.39
N ARG A 371 7.25 -7.43 19.01
CA ARG A 371 7.41 -7.43 20.47
C ARG A 371 7.17 -6.11 21.17
N SER A 372 6.87 -5.07 20.41
CA SER A 372 6.56 -3.78 21.02
C SER A 372 5.92 -2.85 20.03
N PRO A 373 5.01 -1.98 20.49
CA PRO A 373 4.56 -0.88 19.68
C PRO A 373 5.52 0.32 19.75
N ILE A 374 5.29 1.32 18.88
CA ILE A 374 6.00 2.63 18.92
C ILE A 374 4.98 3.75 18.89
N ASP A 375 5.17 4.75 19.77
CA ASP A 375 4.18 5.83 19.97
C ASP A 375 4.43 6.98 19.00
N GLU A 376 3.34 7.66 18.59
CA GLU A 376 3.39 8.75 17.60
C GLU A 376 3.31 10.18 18.18
N ARG A 377 3.42 10.34 19.50
CA ARG A 377 2.98 11.58 20.20
C ARG A 377 4.08 12.60 20.59
N ASN A 378 5.34 12.20 20.57
CA ASN A 378 6.48 13.14 20.78
C ASN A 378 7.07 13.58 19.44
N ASP A 379 6.19 14.05 18.56
CA ASP A 379 6.48 14.14 17.11
C ASP A 379 6.83 12.75 16.53
N GLY A 380 6.27 11.71 17.16
CA GLY A 380 6.50 10.30 16.83
C GLY A 380 7.88 9.90 16.36
N THR A 381 8.89 10.23 17.16
CA THR A 381 10.28 9.94 16.80
C THR A 381 10.54 8.44 16.87
N ILE A 382 11.35 7.96 15.93
CA ILE A 382 11.80 6.57 15.88
C ILE A 382 13.31 6.55 15.92
N THR A 383 13.84 6.00 17.01
CA THR A 383 15.28 5.81 17.21
C THR A 383 15.58 4.31 17.07
N TRP A 384 16.86 3.96 17.15
CA TRP A 384 17.27 2.54 17.11
C TRP A 384 16.71 1.74 18.29
N GLU A 385 16.72 2.36 19.47
CA GLU A 385 16.18 1.78 20.68
C GLU A 385 14.72 1.37 20.53
N ASN A 386 13.91 2.29 20.04
CA ASN A 386 12.50 2.01 19.72
C ASN A 386 12.37 0.78 18.83
N LEU A 387 13.27 0.68 17.86
CA LEU A 387 13.26 -0.41 16.87
C LEU A 387 13.72 -1.75 17.47
N ALA A 388 14.71 -1.71 18.37
CA ALA A 388 15.20 -2.90 19.10
C ALA A 388 14.14 -3.63 19.94
N ALA A 389 13.23 -2.86 20.54
CA ALA A 389 12.11 -3.41 21.30
C ALA A 389 11.06 -4.10 20.42
N VAL A 390 10.93 -3.64 19.18
CA VAL A 390 9.97 -4.23 18.23
C VAL A 390 10.52 -5.59 17.77
N LEU A 391 11.82 -5.60 17.48
CA LEU A 391 12.52 -6.76 16.89
C LEU A 391 13.76 -7.11 17.69
N PRO A 392 13.57 -7.76 18.86
CA PRO A 392 14.70 -8.02 19.76
C PRO A 392 15.44 -9.37 19.56
N PHE A 393 14.98 -10.19 18.62
CA PHE A 393 15.62 -11.47 18.31
C PHE A 393 16.96 -11.38 17.57
N GLY A 394 17.10 -10.41 16.68
CA GLY A 394 18.33 -10.23 15.89
C GLY A 394 18.50 -11.24 14.78
N GLY A 395 17.38 -11.71 14.21
CA GLY A 395 17.38 -12.64 13.07
C GLY A 395 17.52 -11.95 11.72
N THR A 396 17.37 -12.75 10.67
CA THR A 396 17.41 -12.25 9.29
C THR A 396 16.07 -12.45 8.59
N PHE A 397 15.82 -11.61 7.58
CA PHE A 397 14.64 -11.75 6.69
C PHE A 397 15.03 -12.52 5.43
N ASP A 398 14.89 -13.83 5.53
CA ASP A 398 15.34 -14.75 4.50
C ASP A 398 14.33 -14.85 3.38
N LEU A 399 14.76 -15.45 2.28
CA LEU A 399 13.97 -15.59 1.06
C LEU A 399 13.75 -17.06 0.75
N VAL A 400 12.49 -17.44 0.56
CA VAL A 400 12.14 -18.84 0.28
C VAL A 400 11.30 -18.98 -0.98
N GLN A 401 11.52 -20.07 -1.71
CA GLN A 401 10.68 -20.47 -2.82
C GLN A 401 9.78 -21.59 -2.33
N LEU A 402 8.48 -21.36 -2.36
CA LEU A 402 7.48 -22.27 -1.79
C LEU A 402 6.42 -22.64 -2.81
N LYS A 403 5.93 -23.88 -2.73
CA LYS A 403 4.78 -24.30 -3.53
C LYS A 403 3.52 -23.65 -2.95
N GLY A 404 2.49 -23.53 -3.80
CA GLY A 404 1.20 -22.94 -3.39
C GLY A 404 0.52 -23.74 -2.28
N SER A 405 0.54 -25.06 -2.43
CA SER A 405 0.01 -25.97 -1.42
C SER A 405 0.70 -25.83 -0.04
N THR A 406 1.99 -25.51 -0.05
CA THR A 406 2.74 -25.20 1.19
C THR A 406 2.17 -23.95 1.88
N LEU A 407 1.97 -22.90 1.08
CA LEU A 407 1.47 -21.61 1.61
C LEU A 407 0.05 -21.73 2.18
N LYS A 408 -0.83 -22.45 1.49
CA LYS A 408 -2.18 -22.69 2.01
C LYS A 408 -2.07 -23.38 3.37
N LYS A 409 -1.22 -24.41 3.44
CA LYS A 409 -0.99 -25.17 4.68
C LYS A 409 -0.43 -24.29 5.81
N ALA A 410 0.41 -23.32 5.46
CA ALA A 410 0.98 -22.35 6.43
C ALA A 410 -0.07 -21.39 7.00
N PHE A 411 -0.86 -20.81 6.10
CA PHE A 411 -2.01 -19.99 6.47
C PHE A 411 -3.14 -20.74 7.19
N GLU A 412 -3.21 -22.05 7.00
CA GLU A 412 -4.10 -22.92 7.81
C GLU A 412 -3.53 -23.14 9.21
N HIS A 413 -2.22 -23.31 9.27
CA HIS A 413 -1.48 -23.41 10.54
C HIS A 413 -1.58 -22.11 11.33
N SER A 414 -1.58 -21.00 10.60
CA SER A 414 -1.67 -19.62 11.15
C SER A 414 -2.87 -19.34 12.08
N VAL A 415 -3.94 -20.10 11.91
CA VAL A 415 -5.17 -19.92 12.71
C VAL A 415 -5.72 -21.24 13.27
N HIS A 416 -4.87 -22.26 13.38
CA HIS A 416 -5.33 -23.62 13.74
C HIS A 416 -5.79 -23.75 15.21
N ARG A 417 -5.26 -22.88 16.08
CA ARG A 417 -5.66 -22.81 17.50
C ARG A 417 -5.93 -21.34 17.91
N TYR A 418 -6.70 -20.65 17.07
CA TYR A 418 -6.95 -19.21 17.20
C TYR A 418 -7.75 -18.86 18.46
N GLY A 419 -7.35 -17.78 19.13
CA GLY A 419 -7.98 -17.35 20.39
C GLY A 419 -7.07 -17.36 21.61
N GLN A 420 -5.97 -18.13 21.52
CA GLN A 420 -5.01 -18.33 22.64
C GLN A 420 -3.80 -17.39 22.64
N SER A 421 -3.88 -16.31 21.87
CA SER A 421 -2.78 -15.34 21.76
C SER A 421 -1.45 -16.05 21.50
N THR A 422 -1.44 -16.95 20.52
CA THR A 422 -0.21 -17.61 20.11
C THR A 422 0.38 -16.88 18.90
N GLY A 423 1.70 -17.05 18.74
CA GLY A 423 2.51 -16.24 17.84
C GLY A 423 2.58 -16.63 16.38
N GLU A 424 2.09 -17.82 16.05
CA GLU A 424 2.04 -18.32 14.66
C GLU A 424 1.21 -17.45 13.69
N PHE A 425 0.22 -16.72 14.21
CA PHE A 425 -0.62 -15.87 13.38
C PHE A 425 0.22 -14.96 12.49
N LEU A 426 -0.08 -14.99 11.19
CA LEU A 426 0.80 -14.38 10.19
C LEU A 426 0.35 -13.01 9.73
N GLN A 427 1.21 -12.02 10.03
CA GLN A 427 1.14 -10.72 9.37
C GLN A 427 1.71 -10.91 7.97
N VAL A 428 1.16 -10.17 7.00
CA VAL A 428 1.43 -10.40 5.58
C VAL A 428 1.72 -9.15 4.74
N GLY A 429 2.23 -9.39 3.54
CA GLY A 429 2.42 -8.38 2.49
C GLY A 429 2.33 -9.02 1.10
N GLY A 430 1.72 -8.30 0.16
CA GLY A 430 1.42 -8.86 -1.16
C GLY A 430 0.48 -10.06 -1.14
N ILE A 431 -0.24 -10.20 -0.04
CA ILE A 431 -1.12 -11.33 0.22
C ILE A 431 -2.41 -10.76 0.80
N HIS A 432 -3.54 -11.13 0.21
CA HIS A 432 -4.89 -10.88 0.77
C HIS A 432 -5.57 -12.19 1.18
N VAL A 433 -5.60 -12.42 2.48
CA VAL A 433 -6.16 -13.65 3.08
C VAL A 433 -7.48 -13.35 3.76
N VAL A 434 -8.39 -14.33 3.71
CA VAL A 434 -9.70 -14.26 4.34
C VAL A 434 -9.93 -15.58 5.08
N TYR A 435 -10.08 -15.49 6.41
CA TYR A 435 -10.44 -16.65 7.26
C TYR A 435 -11.94 -16.78 7.59
N ASP A 436 -12.40 -18.01 7.67
CA ASP A 436 -13.72 -18.36 8.26
C ASP A 436 -13.47 -19.24 9.49
N LEU A 437 -13.54 -18.63 10.66
CA LEU A 437 -13.29 -19.33 11.94
C LEU A 437 -14.40 -20.35 12.35
N SER A 438 -15.60 -20.23 11.79
CA SER A 438 -16.67 -21.22 12.01
C SER A 438 -16.31 -22.62 11.45
N ARG A 439 -15.40 -22.65 10.50
CA ARG A 439 -14.85 -23.89 9.95
C ARG A 439 -13.78 -24.50 10.87
N LYS A 440 -13.43 -25.76 10.60
CA LYS A 440 -12.50 -26.55 11.42
C LYS A 440 -11.03 -26.32 11.02
N PRO A 441 -10.07 -26.49 11.97
CA PRO A 441 -8.63 -26.37 11.67
C PRO A 441 -8.19 -27.24 10.48
N GLY A 442 -7.35 -26.66 9.62
CA GLY A 442 -6.99 -27.26 8.33
C GLY A 442 -7.87 -26.85 7.16
N ASP A 443 -9.00 -26.20 7.44
CA ASP A 443 -9.95 -25.75 6.40
C ASP A 443 -10.62 -24.42 6.77
N ARG A 444 -9.86 -23.55 7.45
CA ARG A 444 -10.35 -22.22 7.87
C ARG A 444 -10.08 -21.09 6.86
N VAL A 445 -9.26 -21.35 5.84
CA VAL A 445 -8.91 -20.35 4.84
C VAL A 445 -9.90 -20.44 3.68
N VAL A 446 -10.79 -19.46 3.57
CA VAL A 446 -11.78 -19.41 2.46
C VAL A 446 -11.32 -18.63 1.21
N LYS A 447 -10.39 -17.68 1.39
CA LYS A 447 -9.85 -16.89 0.27
C LYS A 447 -8.37 -16.60 0.52
N LEU A 448 -7.57 -16.76 -0.53
CA LEU A 448 -6.12 -16.47 -0.46
C LEU A 448 -5.66 -15.96 -1.82
N ASP A 449 -5.60 -14.64 -1.94
CA ASP A 449 -5.18 -13.96 -3.17
C ASP A 449 -3.78 -13.42 -2.97
N VAL A 450 -2.91 -13.64 -3.94
CA VAL A 450 -1.53 -13.19 -3.88
C VAL A 450 -1.14 -12.46 -5.17
N LEU A 451 -0.06 -11.70 -5.08
CA LEU A 451 0.39 -10.85 -6.20
C LEU A 451 1.08 -11.68 -7.27
N CYS A 452 0.60 -11.56 -8.50
CA CYS A 452 1.21 -12.27 -9.62
C CYS A 452 2.62 -11.76 -9.86
N THR A 453 3.52 -12.69 -10.17
CA THR A 453 4.92 -12.39 -10.51
C THR A 453 5.11 -12.37 -12.02
N LYS A 454 4.52 -13.36 -12.70
CA LYS A 454 4.61 -13.51 -14.16
C LYS A 454 3.49 -12.69 -14.84
N CYS A 455 3.46 -11.39 -14.54
CA CYS A 455 2.47 -10.45 -15.07
C CYS A 455 3.12 -9.06 -15.10
N ARG A 456 2.80 -8.29 -16.13
CA ARG A 456 3.41 -6.96 -16.33
C ARG A 456 2.94 -5.94 -15.29
N VAL A 457 1.64 -5.93 -15.04
CA VAL A 457 1.01 -5.13 -13.96
C VAL A 457 0.63 -6.08 -12.81
N PRO A 458 1.20 -5.87 -11.61
CA PRO A 458 0.82 -6.72 -10.49
C PRO A 458 -0.62 -6.48 -10.02
N SER A 459 -1.40 -7.56 -10.05
CA SER A 459 -2.72 -7.62 -9.43
C SER A 459 -2.78 -8.78 -8.43
N TYR A 460 -3.88 -8.83 -7.68
CA TYR A 460 -4.17 -9.93 -6.76
C TYR A 460 -5.03 -10.99 -7.44
N ASP A 461 -4.40 -12.13 -7.73
CA ASP A 461 -5.07 -13.31 -8.29
C ASP A 461 -5.06 -14.45 -7.25
N PRO A 462 -6.03 -15.39 -7.33
CA PRO A 462 -6.06 -16.51 -6.36
C PRO A 462 -4.83 -17.39 -6.38
N LEU A 463 -4.37 -17.77 -5.19
CA LEU A 463 -3.23 -18.67 -5.06
C LEU A 463 -3.65 -20.04 -5.61
N LYS A 464 -2.91 -20.53 -6.59
CA LYS A 464 -3.10 -21.87 -7.14
C LYS A 464 -2.17 -22.85 -6.40
N MET A 465 -2.69 -24.04 -6.13
CA MET A 465 -2.03 -25.07 -5.29
C MET A 465 -0.72 -25.62 -5.89
N ASP A 466 -0.71 -25.82 -7.21
CA ASP A 466 0.47 -26.37 -7.93
C ASP A 466 1.44 -25.32 -8.53
N GLU A 467 1.12 -24.03 -8.42
CA GLU A 467 2.05 -22.96 -8.83
C GLU A 467 3.09 -22.73 -7.74
N VAL A 468 4.14 -22.01 -8.10
CA VAL A 468 5.31 -21.77 -7.23
C VAL A 468 5.47 -20.28 -6.99
N TYR A 469 5.71 -19.93 -5.72
CA TYR A 469 5.74 -18.53 -5.24
C TYR A 469 7.03 -18.23 -4.47
N LYS A 470 7.48 -17.00 -4.57
CA LYS A 470 8.66 -16.50 -3.88
C LYS A 470 8.19 -15.59 -2.76
N VAL A 471 8.56 -15.94 -1.53
CA VAL A 471 8.12 -15.22 -0.32
C VAL A 471 9.32 -14.80 0.55
N ILE A 472 9.25 -13.58 1.09
CA ILE A 472 10.22 -13.08 2.08
C ILE A 472 9.65 -13.16 3.52
N LEU A 473 10.45 -13.70 4.44
CA LEU A 473 9.99 -14.05 5.79
C LEU A 473 11.17 -14.13 6.77
N PRO A 474 10.89 -14.20 8.09
CA PRO A 474 12.00 -14.34 9.03
C PRO A 474 12.64 -15.71 8.94
N ASN A 475 13.92 -15.79 9.28
CA ASN A 475 14.66 -17.06 9.23
C ASN A 475 14.10 -18.08 10.22
N PHE A 476 13.55 -17.58 11.32
CA PHE A 476 12.85 -18.42 12.31
C PHE A 476 11.78 -19.27 11.66
N LEU A 477 10.96 -18.65 10.83
CA LEU A 477 9.90 -19.34 10.10
C LEU A 477 10.46 -20.25 8.99
N ALA A 478 11.40 -19.72 8.21
CA ALA A 478 12.12 -20.52 7.20
C ALA A 478 12.74 -21.82 7.76
N ASN A 479 13.35 -21.71 8.94
CA ASN A 479 13.89 -22.86 9.70
C ASN A 479 12.84 -23.76 10.42
N GLY A 480 11.55 -23.55 10.12
CA GLY A 480 10.47 -24.38 10.62
C GLY A 480 9.99 -24.05 12.01
N GLY A 481 10.29 -22.83 12.47
CA GLY A 481 9.80 -22.34 13.76
C GLY A 481 8.30 -22.13 13.78
N ASP A 482 7.76 -21.88 14.98
CA ASP A 482 6.32 -21.68 15.23
C ASP A 482 5.45 -22.82 14.68
N GLY A 483 6.01 -24.03 14.71
CA GLY A 483 5.37 -25.23 14.18
C GLY A 483 5.09 -25.26 12.68
N PHE A 484 5.74 -24.38 11.91
CA PHE A 484 5.62 -24.34 10.46
C PHE A 484 6.55 -25.40 9.84
N GLN A 485 6.28 -26.66 10.17
CA GLN A 485 7.02 -27.80 9.64
C GLN A 485 6.98 -27.80 8.10
N MET A 486 5.80 -27.51 7.56
CA MET A 486 5.54 -27.54 6.11
C MET A 486 6.48 -26.63 5.31
N ILE A 487 6.92 -25.52 5.92
CA ILE A 487 7.90 -24.62 5.30
C ILE A 487 9.26 -25.31 5.17
N LYS A 488 9.82 -25.73 6.31
CA LYS A 488 11.15 -26.36 6.34
C LYS A 488 11.22 -27.55 5.39
N ASP A 489 10.21 -28.41 5.45
CA ASP A 489 10.17 -29.66 4.68
C ASP A 489 9.83 -29.49 3.18
N GLU A 490 8.99 -28.52 2.85
CA GLU A 490 8.47 -28.35 1.47
C GLU A 490 9.02 -27.13 0.70
N LEU A 491 9.90 -26.34 1.30
CA LEU A 491 10.53 -25.24 0.56
C LEU A 491 11.45 -25.82 -0.51
N LEU A 492 11.55 -25.10 -1.62
CA LEU A 492 12.35 -25.48 -2.82
C LEU A 492 13.71 -24.78 -2.89
N ARG A 493 13.74 -23.55 -2.38
CA ARG A 493 14.98 -22.78 -2.22
C ARG A 493 14.86 -21.96 -0.94
N HIS A 494 16.01 -21.69 -0.32
CA HIS A 494 16.09 -20.87 0.90
C HIS A 494 17.42 -20.11 0.94
N ASP A 495 17.33 -18.79 0.77
CA ASP A 495 18.49 -17.88 0.78
C ASP A 495 18.49 -17.00 2.00
N SER A 496 19.65 -16.90 2.66
CA SER A 496 19.81 -16.04 3.84
C SER A 496 19.89 -14.58 3.42
N GLY A 497 19.07 -13.75 4.07
CA GLY A 497 18.94 -12.33 3.71
C GLY A 497 19.54 -11.37 4.72
N ASP A 498 19.00 -10.16 4.75
CA ASP A 498 19.54 -9.08 5.59
C ASP A 498 19.02 -9.11 7.03
N GLN A 499 19.74 -8.42 7.90
CA GLN A 499 19.45 -8.41 9.35
C GLN A 499 18.15 -7.65 9.60
N ASP A 500 17.26 -8.26 10.35
CA ASP A 500 15.88 -7.75 10.50
C ASP A 500 15.76 -6.24 10.80
N ILE A 501 16.47 -5.81 11.84
CA ILE A 501 16.40 -4.42 12.33
C ILE A 501 17.01 -3.43 11.32
N ASN A 502 18.04 -3.86 10.62
CA ASN A 502 18.63 -3.04 9.56
C ASN A 502 17.65 -2.81 8.42
N VAL A 503 16.96 -3.87 8.03
CA VAL A 503 15.92 -3.77 7.00
C VAL A 503 14.89 -2.68 7.33
N VAL A 504 14.39 -2.70 8.57
CA VAL A 504 13.34 -1.75 9.01
C VAL A 504 13.89 -0.33 9.27
N SER A 505 15.13 -0.23 9.76
CA SER A 505 15.76 1.10 9.92
C SER A 505 16.02 1.73 8.56
N THR A 506 16.59 0.95 7.64
CA THR A 506 16.85 1.39 6.26
C THR A 506 15.59 1.90 5.58
N TYR A 507 14.48 1.18 5.75
CA TYR A 507 13.18 1.57 5.20
C TYR A 507 12.69 2.90 5.77
N ILE A 508 12.71 2.99 7.09
CA ILE A 508 12.26 4.20 7.79
C ILE A 508 13.10 5.42 7.41
N SER A 509 14.43 5.23 7.36
CA SER A 509 15.37 6.28 6.91
C SER A 509 15.05 6.77 5.50
N LYS A 510 14.74 5.82 4.62
CA LYS A 510 14.36 6.09 3.23
C LYS A 510 13.04 6.87 3.14
N MET A 511 12.01 6.35 3.81
CA MET A 511 10.67 6.97 3.80
C MET A 511 10.57 8.30 4.53
N LYS A 512 11.44 8.52 5.52
CA LYS A 512 11.42 9.71 6.42
C LYS A 512 10.19 9.71 7.33
N VAL A 513 8.99 9.85 6.76
CA VAL A 513 7.72 9.85 7.48
C VAL A 513 6.90 8.62 7.09
N ILE A 514 6.57 7.79 8.06
CA ILE A 514 5.73 6.59 7.84
C ILE A 514 4.32 6.71 8.44
N TYR A 515 3.40 5.97 7.82
CA TYR A 515 1.98 6.03 8.12
C TYR A 515 1.26 4.73 7.70
N PRO A 516 1.84 3.58 8.05
CA PRO A 516 1.20 2.34 7.65
C PRO A 516 -0.20 2.19 8.26
N ALA A 517 -1.12 1.73 7.42
CA ALA A 517 -2.51 1.55 7.76
C ALA A 517 -2.86 0.08 7.91
N VAL A 518 -4.07 -0.16 8.40
CA VAL A 518 -4.73 -1.46 8.34
C VAL A 518 -5.62 -1.39 7.11
N GLU A 519 -5.31 -2.23 6.12
CA GLU A 519 -5.87 -2.12 4.75
C GLU A 519 -6.81 -3.26 4.32
N GLY A 520 -7.01 -4.25 5.19
CA GLY A 520 -7.80 -5.45 4.84
C GLY A 520 -7.01 -6.54 4.13
N ARG A 521 -5.73 -6.63 4.47
CA ARG A 521 -4.86 -7.73 4.05
C ARG A 521 -5.31 -9.04 4.69
N ILE A 522 -5.75 -8.97 5.94
CA ILE A 522 -6.27 -10.12 6.68
C ILE A 522 -7.70 -9.80 7.14
N LYS A 523 -8.65 -10.56 6.61
CA LYS A 523 -10.07 -10.41 6.91
C LYS A 523 -10.68 -11.68 7.51
N PHE A 524 -11.79 -11.50 8.22
CA PHE A 524 -12.56 -12.64 8.79
C PHE A 524 -13.99 -12.67 8.26
N SER A 525 -14.58 -13.86 8.23
CA SER A 525 -16.01 -14.00 7.88
C SER A 525 -16.54 -15.37 8.27
N SER B 1 -22.45 8.24 -64.38
CA SER B 1 -21.01 8.06 -64.04
C SER B 1 -20.77 7.91 -62.52
N MET B 2 -19.52 7.62 -62.18
CA MET B 2 -19.03 7.52 -60.78
C MET B 2 -17.74 8.33 -60.56
N TRP B 3 -17.60 8.84 -59.34
CA TRP B 3 -16.46 9.66 -58.94
C TRP B 3 -15.92 9.17 -57.60
N GLU B 4 -14.66 8.76 -57.57
CA GLU B 4 -14.10 8.14 -56.38
C GLU B 4 -13.21 9.11 -55.62
N LEU B 5 -13.49 9.22 -54.32
CA LEU B 5 -12.70 10.05 -53.39
C LEU B 5 -12.13 9.19 -52.28
N THR B 6 -10.82 9.34 -52.04
CA THR B 6 -10.13 8.65 -50.95
C THR B 6 -9.91 9.68 -49.86
N ILE B 7 -10.60 9.53 -48.74
CA ILE B 7 -10.37 10.36 -47.57
C ILE B 7 -9.33 9.70 -46.65
N LEU B 8 -8.20 10.36 -46.52
CA LEU B 8 -7.18 9.99 -45.56
C LEU B 8 -7.37 10.86 -44.34
N HIS B 9 -7.31 10.27 -43.15
CA HIS B 9 -7.62 11.04 -41.94
C HIS B 9 -6.91 10.63 -40.64
N THR B 10 -6.50 11.64 -39.88
CA THR B 10 -5.98 11.48 -38.53
C THR B 10 -6.79 12.27 -37.52
N ASN B 11 -6.74 11.82 -36.29
CA ASN B 11 -7.34 12.55 -35.18
C ASN B 11 -6.57 12.22 -33.91
N ASP B 12 -6.60 13.15 -32.96
CA ASP B 12 -6.06 12.95 -31.61
C ASP B 12 -4.61 12.45 -31.61
N VAL B 13 -3.82 13.04 -32.51
CA VAL B 13 -2.39 12.70 -32.63
C VAL B 13 -1.64 13.04 -31.32
N HIS B 14 -2.05 14.12 -30.66
CA HIS B 14 -1.47 14.53 -29.35
C HIS B 14 0.04 14.65 -29.27
N SER B 15 0.60 15.41 -30.20
CA SER B 15 2.04 15.70 -30.23
C SER B 15 2.95 14.46 -30.25
N ARG B 16 2.47 13.39 -30.87
CA ARG B 16 3.27 12.18 -31.07
C ARG B 16 3.97 12.34 -32.41
N LEU B 17 4.80 13.38 -32.52
CA LEU B 17 5.49 13.74 -33.78
C LEU B 17 6.45 12.64 -34.15
N GLU B 18 7.06 12.06 -33.13
CA GLU B 18 7.99 10.95 -33.30
C GLU B 18 7.24 9.64 -33.25
N GLN B 19 7.88 8.61 -33.77
CA GLN B 19 7.34 7.26 -33.63
C GLN B 19 7.33 6.87 -32.16
N THR B 20 6.40 5.98 -31.83
CA THR B 20 6.13 5.62 -30.45
C THR B 20 6.08 4.11 -30.29
N SER B 21 6.08 3.66 -29.05
CA SER B 21 5.80 2.25 -28.73
C SER B 21 4.34 1.91 -29.09
N GLU B 22 4.03 0.60 -29.10
CA GLU B 22 2.69 0.08 -29.35
C GLU B 22 1.59 0.82 -28.58
N ASP B 23 1.83 1.00 -27.29
CA ASP B 23 0.91 1.66 -26.36
C ASP B 23 0.97 3.19 -26.35
N SER B 24 1.66 3.80 -27.32
CA SER B 24 1.83 5.27 -27.46
C SER B 24 2.93 5.91 -26.59
N SER B 25 3.53 5.15 -25.66
CA SER B 25 4.62 5.66 -24.83
C SER B 25 5.88 5.91 -25.67
N LYS B 26 6.91 6.46 -25.03
CA LYS B 26 8.17 6.79 -25.71
C LYS B 26 8.77 5.55 -26.38
N CYS B 27 9.28 5.76 -27.60
CA CYS B 27 9.88 4.69 -28.39
C CYS B 27 11.22 4.30 -27.82
N VAL B 28 11.46 2.99 -27.64
CA VAL B 28 12.76 2.47 -27.20
C VAL B 28 13.24 1.38 -28.16
N ASP B 29 12.49 0.26 -28.22
CA ASP B 29 12.74 -0.81 -29.18
C ASP B 29 12.22 -0.34 -30.53
N ALA B 30 13.11 0.27 -31.31
CA ALA B 30 12.75 0.89 -32.61
C ALA B 30 12.21 -0.09 -33.66
N SER B 31 12.65 -1.34 -33.60
CA SER B 31 12.17 -2.40 -34.50
C SER B 31 10.67 -2.69 -34.38
N ARG B 32 10.09 -2.41 -33.22
CA ARG B 32 8.65 -2.60 -32.93
C ARG B 32 7.92 -1.27 -32.66
N CYS B 33 8.50 -0.16 -33.10
CA CYS B 33 7.88 1.17 -32.90
C CYS B 33 6.94 1.51 -34.04
N MET B 34 5.98 2.38 -33.73
CA MET B 34 4.83 2.69 -34.59
C MET B 34 4.50 4.15 -34.62
N GLY B 35 3.84 4.56 -35.69
CA GLY B 35 3.34 5.92 -35.83
C GLY B 35 4.44 6.94 -36.13
N GLY B 36 4.11 8.19 -35.84
CA GLY B 36 5.00 9.32 -36.09
C GLY B 36 4.79 9.92 -37.47
N VAL B 37 5.06 11.20 -37.57
CA VAL B 37 4.82 11.97 -38.79
C VAL B 37 5.71 11.52 -39.97
N ALA B 38 6.93 11.09 -39.69
CA ALA B 38 7.82 10.56 -40.73
C ALA B 38 7.25 9.31 -41.41
N ARG B 39 6.75 8.37 -40.62
CA ARG B 39 6.15 7.15 -41.14
C ARG B 39 4.85 7.43 -41.88
N LEU B 40 4.03 8.29 -41.28
CA LEU B 40 2.74 8.70 -41.87
C LEU B 40 2.94 9.26 -43.26
N PHE B 41 3.93 10.14 -43.39
CA PHE B 41 4.28 10.74 -44.69
C PHE B 41 4.47 9.68 -45.76
N THR B 42 5.30 8.68 -45.47
CA THR B 42 5.54 7.59 -46.40
C THR B 42 4.23 6.98 -46.89
N LYS B 43 3.35 6.63 -45.95
CA LYS B 43 2.09 5.94 -46.30
C LYS B 43 1.14 6.82 -47.13
N VAL B 44 1.01 8.08 -46.72
CA VAL B 44 0.21 9.06 -47.44
C VAL B 44 0.67 9.17 -48.89
N GLN B 45 1.99 9.15 -49.10
CA GLN B 45 2.56 9.32 -50.42
C GLN B 45 2.33 8.11 -51.30
N GLN B 46 2.32 6.92 -50.70
CA GLN B 46 2.02 5.67 -51.42
C GLN B 46 0.61 5.66 -51.95
N ILE B 47 -0.29 6.31 -51.21
CA ILE B 47 -1.69 6.38 -51.56
C ILE B 47 -1.93 7.49 -52.56
N ARG B 48 -1.40 8.68 -52.26
CA ARG B 48 -1.47 9.82 -53.19
C ARG B 48 -1.01 9.48 -54.58
N ARG B 49 0.08 8.71 -54.66
CA ARG B 49 0.65 8.27 -55.94
C ARG B 49 -0.17 7.21 -56.68
N ALA B 50 -1.00 6.47 -55.94
CA ALA B 50 -1.88 5.42 -56.49
C ALA B 50 -3.32 5.88 -56.78
N GLU B 51 -3.87 6.76 -55.97
CA GLU B 51 -5.26 7.23 -56.12
C GLU B 51 -5.24 8.65 -56.67
N PRO B 52 -6.10 8.96 -57.64
CA PRO B 52 -6.05 10.30 -58.24
C PRO B 52 -6.72 11.41 -57.39
N ASN B 53 -7.78 11.06 -56.66
CA ASN B 53 -8.58 12.04 -55.91
C ASN B 53 -8.47 11.78 -54.41
N VAL B 54 -7.59 12.53 -53.75
CA VAL B 54 -7.19 12.29 -52.35
C VAL B 54 -7.25 13.55 -51.50
N LEU B 55 -7.80 13.39 -50.29
CA LEU B 55 -7.85 14.46 -49.28
C LEU B 55 -7.30 13.94 -47.96
N LEU B 56 -6.36 14.70 -47.37
CA LEU B 56 -5.76 14.38 -46.07
C LEU B 56 -6.31 15.34 -45.03
N LEU B 57 -6.96 14.79 -44.01
CA LEU B 57 -7.77 15.54 -43.07
C LEU B 57 -7.38 15.25 -41.62
N ASP B 58 -7.40 16.29 -40.80
CA ASP B 58 -7.23 16.12 -39.36
C ASP B 58 -8.48 16.58 -38.66
N ALA B 59 -8.84 15.86 -37.60
CA ALA B 59 -10.07 16.12 -36.83
C ALA B 59 -9.76 16.58 -35.37
N GLY B 60 -8.64 17.26 -35.19
CA GLY B 60 -8.35 17.95 -33.94
C GLY B 60 -7.45 17.20 -32.98
N ASP B 61 -7.04 17.93 -31.94
CA ASP B 61 -6.18 17.43 -30.85
C ASP B 61 -4.77 17.01 -31.31
N GLN B 62 -4.19 17.85 -32.15
CA GLN B 62 -2.76 17.78 -32.49
C GLN B 62 -1.93 18.35 -31.32
N TYR B 63 -2.42 19.46 -30.79
CA TYR B 63 -1.88 20.10 -29.59
C TYR B 63 -1.93 19.19 -28.37
N GLN B 64 -0.92 19.34 -27.52
CA GLN B 64 -0.86 18.72 -26.18
C GLN B 64 -0.65 17.20 -26.21
N GLY B 65 0.38 16.77 -25.50
CA GLY B 65 0.61 15.34 -25.34
C GLY B 65 2.01 14.91 -24.94
N THR B 66 3.02 15.64 -25.43
CA THR B 66 4.43 15.32 -25.15
C THR B 66 5.26 16.58 -25.06
N ILE B 67 6.53 16.43 -24.70
CA ILE B 67 7.48 17.57 -24.63
C ILE B 67 7.64 18.37 -25.94
N TRP B 68 7.32 17.76 -27.08
CA TRP B 68 7.23 18.48 -28.37
C TRP B 68 6.37 19.75 -28.25
N PHE B 69 5.17 19.58 -27.70
CA PHE B 69 4.27 20.70 -27.44
C PHE B 69 4.69 21.60 -26.29
N THR B 70 5.33 21.03 -25.27
CA THR B 70 5.83 21.84 -24.14
C THR B 70 6.91 22.83 -24.57
N VAL B 71 7.80 22.36 -25.45
CA VAL B 71 8.90 23.16 -26.00
C VAL B 71 8.48 24.05 -27.18
N TYR B 72 7.88 23.45 -28.22
CA TYR B 72 7.58 24.14 -29.49
C TYR B 72 6.20 24.80 -29.57
N LYS B 73 5.34 24.48 -28.62
CA LYS B 73 4.09 25.25 -28.35
C LYS B 73 3.11 25.37 -29.53
N GLY B 74 3.12 24.36 -30.41
CA GLY B 74 2.28 24.37 -31.63
C GLY B 74 2.98 24.63 -32.96
N ALA B 75 4.19 25.21 -32.92
CA ALA B 75 4.98 25.48 -34.13
C ALA B 75 5.41 24.21 -34.83
N GLU B 76 5.65 23.16 -34.04
CA GLU B 76 5.95 21.81 -34.59
C GLU B 76 4.77 21.21 -35.37
N VAL B 77 3.56 21.52 -34.91
CA VAL B 77 2.31 20.99 -35.47
C VAL B 77 2.06 21.57 -36.85
N ALA B 78 2.06 22.89 -36.92
CA ALA B 78 2.04 23.63 -38.18
C ALA B 78 3.12 23.14 -39.15
N HIS B 79 4.36 23.13 -38.68
CA HIS B 79 5.50 22.82 -39.55
C HIS B 79 5.42 21.43 -40.19
N PHE B 80 5.11 20.43 -39.39
CA PHE B 80 5.06 19.05 -39.88
C PHE B 80 3.74 18.65 -40.57
N MET B 81 2.63 19.26 -40.18
CA MET B 81 1.39 19.14 -40.93
C MET B 81 1.48 19.81 -42.30
N ASN B 82 2.27 20.88 -42.38
CA ASN B 82 2.55 21.54 -43.67
C ASN B 82 3.39 20.65 -44.59
N ALA B 83 4.42 20.05 -44.03
CA ALA B 83 5.29 19.13 -44.74
C ALA B 83 4.53 17.90 -45.27
N LEU B 84 3.54 17.44 -44.49
CA LEU B 84 2.66 16.33 -44.95
C LEU B 84 1.56 16.77 -45.97
N ARG B 85 1.42 18.08 -46.16
CA ARG B 85 0.47 18.69 -47.09
C ARG B 85 -0.98 18.31 -46.74
N TYR B 86 -1.33 18.52 -45.48
CA TYR B 86 -2.70 18.37 -45.02
C TYR B 86 -3.60 19.31 -45.82
N ASP B 87 -4.80 18.84 -46.15
CA ASP B 87 -5.77 19.59 -46.96
C ASP B 87 -6.69 20.42 -46.09
N ALA B 88 -6.93 19.93 -44.89
CA ALA B 88 -7.76 20.64 -43.90
C ALA B 88 -7.61 20.07 -42.52
N MET B 89 -7.90 20.90 -41.52
CA MET B 89 -7.92 20.48 -40.13
C MET B 89 -9.12 21.10 -39.43
N ALA B 90 -9.74 20.35 -38.51
CA ALA B 90 -10.79 20.88 -37.66
C ALA B 90 -10.19 21.18 -36.29
N LEU B 91 -10.52 22.34 -35.74
CA LEU B 91 -10.02 22.75 -34.47
C LEU B 91 -10.55 21.79 -33.44
N GLY B 92 -9.67 21.39 -32.53
CA GLY B 92 -10.01 20.47 -31.44
C GLY B 92 -9.96 21.22 -30.13
N ASN B 93 -10.43 20.57 -29.08
CA ASN B 93 -10.52 21.20 -27.77
C ASN B 93 -9.15 21.50 -27.16
N HIS B 94 -8.16 20.67 -27.48
CA HIS B 94 -6.80 20.91 -27.00
C HIS B 94 -6.04 22.02 -27.71
N GLU B 95 -6.51 22.41 -28.89
CA GLU B 95 -5.95 23.55 -29.62
C GLU B 95 -6.12 24.88 -28.87
N PHE B 96 -7.03 24.92 -27.89
CA PHE B 96 -7.23 26.08 -26.99
C PHE B 96 -6.54 25.95 -25.62
N ASP B 97 -5.58 25.04 -25.50
CA ASP B 97 -4.87 24.84 -24.22
C ASP B 97 -3.99 26.03 -23.84
N ASN B 98 -3.22 26.54 -24.78
CA ASN B 98 -2.37 27.71 -24.57
C ASN B 98 -3.08 29.06 -24.83
N GLY B 99 -4.41 29.05 -24.72
CA GLY B 99 -5.21 30.24 -25.02
C GLY B 99 -5.41 30.43 -26.50
N VAL B 100 -6.17 31.47 -26.83
CA VAL B 100 -6.45 31.86 -28.20
C VAL B 100 -5.17 32.41 -28.84
N GLU B 101 -4.40 33.18 -28.08
CA GLU B 101 -3.09 33.66 -28.54
C GLU B 101 -2.19 32.48 -28.97
N GLY B 102 -2.22 31.43 -28.16
CA GLY B 102 -1.46 30.19 -28.43
C GLY B 102 -1.98 29.33 -29.56
N LEU B 103 -3.18 29.64 -30.06
CA LEU B 103 -3.73 29.06 -31.26
C LEU B 103 -3.34 29.86 -32.49
N ILE B 104 -3.57 31.17 -32.40
CA ILE B 104 -3.37 32.11 -33.52
C ILE B 104 -1.93 32.15 -34.03
N GLU B 105 -1.00 32.45 -33.14
CA GLU B 105 0.37 32.84 -33.56
C GLU B 105 1.23 31.67 -34.04
N PRO B 106 1.19 30.52 -33.32
CA PRO B 106 1.90 29.35 -33.83
C PRO B 106 1.19 28.67 -34.99
N LEU B 107 -0.10 28.33 -34.83
CA LEU B 107 -0.78 27.40 -35.76
C LEU B 107 -1.56 28.06 -36.89
N LEU B 108 -2.53 28.90 -36.55
CA LEU B 108 -3.41 29.52 -37.54
C LEU B 108 -2.70 30.46 -38.51
N LYS B 109 -1.71 31.17 -38.01
CA LYS B 109 -0.93 32.07 -38.86
C LYS B 109 0.16 31.36 -39.68
N GLU B 110 0.63 30.20 -39.22
CA GLU B 110 1.68 29.44 -39.93
C GLU B 110 1.22 28.22 -40.73
N ALA B 111 -0.01 27.76 -40.49
CA ALA B 111 -0.61 26.65 -41.26
C ALA B 111 -0.93 27.06 -42.69
N LYS B 112 -0.53 26.20 -43.64
CA LYS B 112 -0.76 26.42 -45.09
C LYS B 112 -2.00 25.68 -45.63
N PHE B 113 -2.85 25.24 -44.73
CA PHE B 113 -4.11 24.59 -45.06
C PHE B 113 -5.21 25.25 -44.22
N PRO B 114 -6.47 25.20 -44.72
CA PRO B 114 -7.55 25.77 -43.95
C PRO B 114 -7.76 25.02 -42.64
N ILE B 115 -8.04 25.78 -41.58
CA ILE B 115 -8.37 25.23 -40.27
C ILE B 115 -9.81 25.60 -39.95
N LEU B 116 -10.63 24.60 -39.59
CA LEU B 116 -12.10 24.77 -39.58
C LEU B 116 -12.85 24.53 -38.27
N SER B 117 -13.95 25.29 -38.12
CA SER B 117 -14.91 25.17 -37.02
C SER B 117 -16.07 26.14 -37.26
N ALA B 118 -17.24 25.58 -37.54
CA ALA B 118 -18.44 26.36 -37.90
C ALA B 118 -19.20 26.82 -36.70
N ASN B 119 -19.19 26.02 -35.64
CA ASN B 119 -19.89 26.31 -34.38
C ASN B 119 -19.12 27.14 -33.34
N ILE B 120 -17.89 27.55 -33.65
CA ILE B 120 -17.18 28.50 -32.80
C ILE B 120 -17.46 29.88 -33.38
N LYS B 121 -18.08 30.73 -32.57
CA LYS B 121 -18.36 32.12 -32.96
C LYS B 121 -17.51 33.05 -32.13
N ALA B 122 -16.84 33.96 -32.83
CA ALA B 122 -15.96 34.94 -32.24
C ALA B 122 -16.78 36.18 -31.97
N LYS B 123 -16.52 36.82 -30.84
CA LYS B 123 -17.30 37.98 -30.40
C LYS B 123 -16.42 39.03 -29.74
N GLY B 124 -16.85 40.28 -29.82
CA GLY B 124 -16.15 41.39 -29.21
C GLY B 124 -14.92 41.81 -30.00
N PRO B 125 -13.82 42.22 -29.33
CA PRO B 125 -12.58 42.60 -30.03
C PRO B 125 -11.89 41.43 -30.77
N LEU B 126 -12.07 40.22 -30.26
CA LEU B 126 -11.48 39.03 -30.83
C LEU B 126 -11.91 38.76 -32.28
N ALA B 127 -13.15 39.10 -32.61
CA ALA B 127 -13.75 38.81 -33.93
C ALA B 127 -12.94 39.31 -35.12
N SER B 128 -12.60 40.59 -35.09
CA SER B 128 -11.80 41.24 -36.16
C SER B 128 -10.34 40.76 -36.17
N GLN B 129 -9.80 40.49 -34.99
CA GLN B 129 -8.45 39.93 -34.81
C GLN B 129 -8.30 38.55 -35.47
N ILE B 130 -9.30 37.70 -35.25
CA ILE B 130 -9.30 36.30 -35.72
C ILE B 130 -10.05 36.07 -37.06
N SER B 131 -10.54 37.14 -37.68
CA SER B 131 -11.35 37.03 -38.90
C SER B 131 -10.56 36.43 -40.06
N GLY B 132 -10.99 35.25 -40.50
CA GLY B 132 -10.38 34.55 -41.64
C GLY B 132 -9.35 33.49 -41.28
N LEU B 133 -8.81 33.59 -40.06
CA LEU B 133 -7.76 32.67 -39.60
C LEU B 133 -8.25 31.26 -39.40
N TYR B 134 -9.49 31.13 -38.93
CA TYR B 134 -10.26 29.87 -39.04
C TYR B 134 -11.60 30.15 -39.76
N LEU B 135 -12.17 29.12 -40.38
CA LEU B 135 -13.36 29.27 -41.26
C LEU B 135 -14.41 28.21 -40.91
N PRO B 136 -15.68 28.52 -41.13
CA PRO B 136 -16.70 27.51 -40.88
C PRO B 136 -16.61 26.33 -41.84
N TYR B 137 -16.35 26.62 -43.11
CA TYR B 137 -16.12 25.60 -44.14
C TYR B 137 -14.95 25.99 -45.03
N LYS B 138 -14.48 25.04 -45.82
CA LYS B 138 -13.67 25.33 -46.99
C LYS B 138 -14.15 24.48 -48.18
N VAL B 139 -14.27 25.12 -49.35
CA VAL B 139 -14.54 24.45 -50.60
C VAL B 139 -13.22 24.15 -51.32
N LEU B 140 -12.81 22.88 -51.31
CA LEU B 140 -11.55 22.43 -51.94
C LEU B 140 -11.69 21.83 -53.33
N PRO B 141 -10.87 22.28 -54.30
CA PRO B 141 -10.85 21.56 -55.57
C PRO B 141 -10.19 20.21 -55.43
N VAL B 142 -10.81 19.21 -56.04
CA VAL B 142 -10.29 17.84 -56.14
C VAL B 142 -10.51 17.36 -57.59
N GLY B 143 -9.43 17.38 -58.37
CA GLY B 143 -9.50 17.16 -59.80
C GLY B 143 -10.44 18.16 -60.47
N ASP B 144 -11.42 17.63 -61.20
CA ASP B 144 -12.42 18.46 -61.88
C ASP B 144 -13.67 18.70 -61.04
N GLU B 145 -13.67 18.15 -59.83
CA GLU B 145 -14.75 18.36 -58.85
C GLU B 145 -14.34 19.29 -57.71
N VAL B 146 -15.29 19.60 -56.85
CA VAL B 146 -15.04 20.30 -55.59
C VAL B 146 -15.71 19.55 -54.46
N VAL B 147 -15.12 19.70 -53.28
CA VAL B 147 -15.57 19.01 -52.08
C VAL B 147 -15.64 20.02 -50.95
N GLY B 148 -16.83 20.28 -50.46
CA GLY B 148 -17.00 21.15 -49.31
C GLY B 148 -16.65 20.42 -48.03
N ILE B 149 -15.85 21.05 -47.19
CA ILE B 149 -15.50 20.51 -45.88
C ILE B 149 -15.93 21.52 -44.84
N VAL B 150 -16.77 21.06 -43.91
CA VAL B 150 -17.39 21.91 -42.91
C VAL B 150 -16.92 21.46 -41.51
N GLY B 151 -16.58 22.43 -40.69
CA GLY B 151 -15.84 22.15 -39.45
C GLY B 151 -16.73 22.20 -38.24
N TYR B 152 -16.36 21.45 -37.20
CA TYR B 152 -17.05 21.57 -35.92
C TYR B 152 -16.15 21.17 -34.76
N THR B 153 -16.46 21.71 -33.58
CA THR B 153 -15.65 21.52 -32.36
C THR B 153 -16.56 21.29 -31.16
N SER B 154 -16.10 20.47 -30.22
CA SER B 154 -16.89 20.04 -29.06
C SER B 154 -17.41 21.21 -28.25
N LYS B 155 -18.68 21.13 -27.87
CA LYS B 155 -19.33 22.15 -27.00
C LYS B 155 -18.81 22.09 -25.55
N GLU B 156 -18.14 20.99 -25.20
CA GLU B 156 -17.47 20.83 -23.91
C GLU B 156 -16.14 21.58 -23.78
N THR B 157 -15.68 22.24 -24.83
CA THR B 157 -14.35 22.85 -24.91
C THR B 157 -14.06 23.93 -23.84
N PRO B 158 -15.06 24.76 -23.49
CA PRO B 158 -14.83 25.74 -22.40
C PRO B 158 -14.63 25.13 -21.00
N PHE B 159 -15.04 23.88 -20.82
CA PHE B 159 -14.86 23.15 -19.55
C PHE B 159 -13.59 22.28 -19.53
N LEU B 160 -13.01 22.05 -20.70
CA LEU B 160 -11.83 21.19 -20.90
C LEU B 160 -10.56 21.92 -21.32
N SER B 161 -10.64 23.23 -21.47
CA SER B 161 -9.53 24.00 -22.00
C SER B 161 -9.65 25.49 -21.64
N ASN B 162 -9.01 26.35 -22.44
CA ASN B 162 -8.95 27.78 -22.17
C ASN B 162 -9.21 28.66 -23.41
N PRO B 163 -10.40 28.52 -24.01
CA PRO B 163 -10.77 29.33 -25.19
C PRO B 163 -11.13 30.79 -24.89
N GLY B 164 -11.37 31.11 -23.62
CA GLY B 164 -11.74 32.47 -23.22
C GLY B 164 -13.21 32.76 -23.36
N THR B 165 -13.63 33.90 -22.80
CA THR B 165 -15.04 34.33 -22.80
C THR B 165 -15.48 35.11 -24.05
N ASN B 166 -14.58 35.29 -25.02
CA ASN B 166 -14.93 35.88 -26.32
C ASN B 166 -15.34 34.86 -27.38
N LEU B 167 -15.03 33.58 -27.14
CA LEU B 167 -15.44 32.50 -28.04
C LEU B 167 -16.67 31.79 -27.49
N VAL B 168 -17.70 31.72 -28.32
CA VAL B 168 -18.95 31.01 -28.00
C VAL B 168 -18.98 29.72 -28.81
N PHE B 169 -19.15 28.60 -28.12
CA PHE B 169 -19.19 27.27 -28.76
C PHE B 169 -20.63 26.85 -28.92
N GLU B 170 -21.20 27.12 -30.10
CA GLU B 170 -22.60 26.84 -30.39
C GLU B 170 -22.84 25.34 -30.54
N ASP B 171 -24.11 24.95 -30.47
CA ASP B 171 -24.49 23.58 -30.75
C ASP B 171 -24.12 23.27 -32.21
N GLU B 172 -23.58 22.07 -32.40
CA GLU B 172 -23.01 21.64 -33.67
C GLU B 172 -24.06 21.56 -34.79
N ILE B 173 -25.12 20.80 -34.53
CA ILE B 173 -26.21 20.58 -35.51
C ILE B 173 -26.85 21.90 -35.95
N THR B 174 -27.12 22.79 -35.00
CA THR B 174 -27.67 24.12 -35.29
C THR B 174 -26.70 24.94 -36.14
N ALA B 175 -25.42 24.87 -35.79
CA ALA B 175 -24.37 25.65 -36.47
C ALA B 175 -24.07 25.16 -37.87
N LEU B 176 -24.16 23.85 -38.04
CA LEU B 176 -23.75 23.18 -39.27
C LEU B 176 -24.75 23.33 -40.41
N GLN B 177 -26.04 23.20 -40.08
CA GLN B 177 -27.09 23.08 -41.09
C GLN B 177 -27.17 24.27 -42.06
N PRO B 178 -27.08 25.52 -41.56
CA PRO B 178 -27.06 26.67 -42.48
C PRO B 178 -25.83 26.66 -43.38
N GLU B 179 -24.69 26.24 -42.83
CA GLU B 179 -23.45 26.16 -43.59
C GLU B 179 -23.54 25.11 -44.70
N VAL B 180 -24.07 23.93 -44.35
CA VAL B 180 -24.29 22.85 -45.34
C VAL B 180 -25.33 23.26 -46.40
N ASP B 181 -26.40 23.91 -45.96
CA ASP B 181 -27.39 24.50 -46.90
C ASP B 181 -26.77 25.57 -47.79
N LYS B 182 -25.96 26.46 -47.20
CA LYS B 182 -25.25 27.52 -47.95
C LYS B 182 -24.46 26.92 -49.09
N LEU B 183 -23.68 25.90 -48.74
CA LEU B 183 -22.90 25.16 -49.73
C LEU B 183 -23.75 24.59 -50.88
N LYS B 184 -24.90 24.00 -50.57
CA LYS B 184 -25.79 23.43 -51.60
C LYS B 184 -26.21 24.49 -52.61
N THR B 185 -26.58 25.67 -52.11
CA THR B 185 -26.96 26.80 -52.98
C THR B 185 -25.77 27.34 -53.81
N LEU B 186 -24.55 27.09 -53.35
CA LEU B 186 -23.32 27.33 -54.14
C LEU B 186 -22.91 26.15 -55.05
N ASN B 187 -23.87 25.29 -55.41
CA ASN B 187 -23.64 24.10 -56.25
C ASN B 187 -22.45 23.23 -55.80
N VAL B 188 -22.39 22.98 -54.48
CA VAL B 188 -21.41 22.05 -53.88
C VAL B 188 -22.19 20.80 -53.41
N ASN B 189 -22.09 19.74 -54.20
CA ASN B 189 -22.91 18.53 -54.02
C ASN B 189 -22.29 17.44 -53.13
N LYS B 190 -20.99 17.57 -52.88
CA LYS B 190 -20.23 16.62 -52.02
C LYS B 190 -19.75 17.31 -50.77
N ILE B 191 -20.24 16.85 -49.62
CA ILE B 191 -20.03 17.56 -48.35
C ILE B 191 -19.54 16.63 -47.24
N ILE B 192 -18.36 16.97 -46.72
CA ILE B 192 -17.70 16.25 -45.63
C ILE B 192 -17.79 17.11 -44.38
N ALA B 193 -18.22 16.49 -43.29
CA ALA B 193 -18.23 17.14 -41.98
C ALA B 193 -17.01 16.62 -41.25
N LEU B 194 -16.04 17.51 -41.02
CA LEU B 194 -14.81 17.18 -40.30
C LEU B 194 -14.82 17.93 -38.98
N GLY B 195 -14.77 17.20 -37.87
CA GLY B 195 -14.80 17.84 -36.57
C GLY B 195 -14.44 17.00 -35.36
N HIS B 196 -14.55 17.64 -34.20
CA HIS B 196 -13.99 17.16 -32.94
C HIS B 196 -14.98 17.16 -31.77
N SER B 197 -16.00 16.31 -31.85
CA SER B 197 -17.06 16.24 -30.81
C SER B 197 -17.27 14.88 -30.18
N GLY B 198 -16.83 13.82 -30.84
CA GLY B 198 -16.97 12.46 -30.33
C GLY B 198 -17.86 11.63 -31.22
N PHE B 199 -17.67 10.33 -31.15
CA PHE B 199 -18.33 9.35 -32.02
C PHE B 199 -19.83 9.45 -31.93
N GLU B 200 -20.33 9.63 -30.71
CA GLU B 200 -21.78 9.78 -30.45
C GLU B 200 -22.37 11.04 -31.10
N MET B 201 -21.68 12.16 -30.97
CA MET B 201 -22.10 13.39 -31.64
C MET B 201 -21.93 13.31 -33.15
N ASP B 202 -20.89 12.61 -33.60
CA ASP B 202 -20.64 12.39 -35.04
C ASP B 202 -21.82 11.64 -35.64
N LYS B 203 -22.33 10.66 -34.90
CA LYS B 203 -23.48 9.86 -35.35
C LYS B 203 -24.75 10.72 -35.49
N LEU B 204 -25.07 11.48 -34.44
CA LEU B 204 -26.16 12.47 -34.47
C LEU B 204 -26.09 13.44 -35.64
N ILE B 205 -24.88 13.94 -35.92
CA ILE B 205 -24.63 14.84 -37.04
C ILE B 205 -25.03 14.20 -38.36
N ALA B 206 -24.54 12.97 -38.57
CA ALA B 206 -24.85 12.17 -39.75
C ALA B 206 -26.35 11.96 -39.95
N GLN B 207 -27.03 11.72 -38.83
CA GLN B 207 -28.47 11.56 -38.85
C GLN B 207 -29.19 12.87 -39.15
N LYS B 208 -28.87 13.88 -38.35
CA LYS B 208 -29.68 15.10 -38.26
C LYS B 208 -29.35 16.14 -39.33
N VAL B 209 -28.07 16.25 -39.69
CA VAL B 209 -27.64 17.33 -40.59
C VAL B 209 -27.86 16.97 -42.07
N ARG B 210 -28.98 17.43 -42.64
CA ARG B 210 -29.29 17.24 -44.07
C ARG B 210 -28.18 17.80 -44.97
N GLY B 211 -27.85 17.01 -46.00
CA GLY B 211 -26.79 17.36 -46.97
C GLY B 211 -25.40 16.76 -46.74
N VAL B 212 -25.10 16.36 -45.50
CA VAL B 212 -23.80 15.77 -45.15
C VAL B 212 -23.66 14.38 -45.73
N ASP B 213 -22.57 14.16 -46.45
CA ASP B 213 -22.34 12.87 -47.11
C ASP B 213 -21.43 11.93 -46.30
N VAL B 214 -20.57 12.49 -45.46
CA VAL B 214 -19.56 11.74 -44.70
C VAL B 214 -19.22 12.52 -43.45
N VAL B 215 -19.02 11.81 -42.35
CA VAL B 215 -18.57 12.43 -41.09
C VAL B 215 -17.23 11.82 -40.69
N VAL B 216 -16.21 12.68 -40.59
CA VAL B 216 -14.86 12.28 -40.18
C VAL B 216 -14.60 12.96 -38.85
N GLY B 217 -14.52 12.17 -37.79
CA GLY B 217 -14.44 12.71 -36.44
C GLY B 217 -13.18 12.44 -35.66
N GLY B 218 -13.26 12.79 -34.38
CA GLY B 218 -12.20 12.56 -33.41
C GLY B 218 -12.72 12.73 -31.99
N HIS B 219 -11.83 13.13 -31.07
CA HIS B 219 -12.13 13.47 -29.64
C HIS B 219 -12.34 12.28 -28.70
N SER B 220 -13.22 11.35 -29.10
CA SER B 220 -13.50 10.11 -28.33
C SER B 220 -12.50 8.94 -28.47
N ASN B 221 -11.43 9.11 -29.24
CA ASN B 221 -10.38 8.07 -29.43
C ASN B 221 -10.93 6.70 -29.90
N THR B 222 -11.95 6.78 -30.75
CA THR B 222 -12.68 5.60 -31.23
C THR B 222 -11.90 4.87 -32.30
N PHE B 223 -11.80 3.55 -32.15
CA PHE B 223 -11.21 2.66 -33.15
C PHE B 223 -12.36 1.91 -33.79
N LEU B 224 -12.46 2.05 -35.11
CA LEU B 224 -13.44 1.34 -35.91
C LEU B 224 -12.68 0.42 -36.85
N TYR B 225 -13.22 -0.76 -37.13
CA TYR B 225 -12.58 -1.71 -38.04
C TYR B 225 -13.54 -2.74 -38.62
N THR B 226 -13.36 -3.03 -39.91
CA THR B 226 -14.09 -4.07 -40.62
C THR B 226 -13.14 -5.24 -40.81
N GLY B 227 -13.37 -6.31 -40.05
CA GLY B 227 -12.57 -7.55 -40.10
C GLY B 227 -11.72 -7.71 -38.85
N ASN B 228 -10.68 -8.54 -38.94
CA ASN B 228 -9.76 -8.79 -37.82
C ASN B 228 -8.76 -7.64 -37.58
N PRO B 229 -8.84 -6.96 -36.42
CA PRO B 229 -7.97 -5.81 -36.20
C PRO B 229 -6.50 -6.18 -36.03
N PRO B 230 -5.58 -5.33 -36.50
CA PRO B 230 -4.16 -5.67 -36.59
C PRO B 230 -3.32 -5.49 -35.32
N SER B 231 -3.91 -4.90 -34.27
CA SER B 231 -3.20 -4.64 -33.00
C SER B 231 -4.09 -4.87 -31.75
N LYS B 232 -3.72 -4.23 -30.63
CA LYS B 232 -4.40 -4.42 -29.34
C LYS B 232 -5.73 -3.66 -29.18
N GLU B 233 -6.02 -2.72 -30.08
CA GLU B 233 -7.21 -1.88 -30.00
C GLU B 233 -8.45 -2.66 -30.42
N VAL B 234 -9.47 -2.66 -29.55
CA VAL B 234 -10.70 -3.41 -29.76
C VAL B 234 -11.70 -2.51 -30.48
N PRO B 235 -12.22 -2.96 -31.65
CA PRO B 235 -13.12 -2.09 -32.41
C PRO B 235 -14.47 -1.88 -31.73
N ALA B 236 -14.92 -0.64 -31.76
CA ALA B 236 -16.24 -0.22 -31.27
C ALA B 236 -17.35 -0.40 -32.31
N GLY B 237 -16.97 -0.66 -33.56
CA GLY B 237 -17.92 -0.89 -34.64
C GLY B 237 -17.20 -1.06 -35.97
N LYS B 238 -18.00 -1.18 -37.04
CA LYS B 238 -17.45 -1.35 -38.39
C LYS B 238 -16.86 -0.04 -38.94
N TYR B 239 -15.93 -0.16 -39.88
CA TYR B 239 -15.36 0.97 -40.59
C TYR B 239 -15.77 0.87 -42.05
N PRO B 240 -16.52 1.86 -42.56
CA PRO B 240 -17.08 3.03 -41.90
C PRO B 240 -18.31 2.63 -41.10
N PHE B 241 -18.64 3.40 -40.07
CA PHE B 241 -19.89 3.18 -39.32
C PHE B 241 -21.02 3.84 -40.08
N ILE B 242 -21.97 3.03 -40.54
CA ILE B 242 -23.10 3.51 -41.33
C ILE B 242 -24.17 4.02 -40.37
N VAL B 243 -24.49 5.31 -40.51
CA VAL B 243 -25.68 5.90 -39.89
C VAL B 243 -26.70 6.05 -40.99
N THR B 244 -27.95 5.75 -40.64
CA THR B 244 -29.09 5.89 -41.54
C THR B 244 -29.74 7.23 -41.19
N SER B 245 -29.73 8.15 -42.15
CA SER B 245 -30.14 9.52 -41.90
C SER B 245 -31.64 9.69 -41.93
N ASP B 246 -32.09 10.75 -41.27
CA ASP B 246 -33.49 11.21 -41.30
C ASP B 246 -34.02 11.44 -42.73
N ASP B 247 -33.18 11.96 -43.60
CA ASP B 247 -33.54 12.20 -45.03
C ASP B 247 -33.26 11.00 -45.97
N GLY B 248 -33.20 9.80 -45.39
CA GLY B 248 -33.26 8.55 -46.15
C GLY B 248 -31.98 8.05 -46.81
N ARG B 249 -30.83 8.40 -46.23
CA ARG B 249 -29.52 8.09 -46.82
C ARG B 249 -28.55 7.39 -45.87
N LYS B 250 -27.66 6.60 -46.44
CA LYS B 250 -26.62 5.90 -45.68
C LYS B 250 -25.37 6.81 -45.58
N VAL B 251 -25.07 7.26 -44.37
CA VAL B 251 -23.99 8.21 -44.12
C VAL B 251 -22.84 7.52 -43.39
N PRO B 252 -21.66 7.39 -44.05
CA PRO B 252 -20.50 6.84 -43.33
C PRO B 252 -19.88 7.77 -42.29
N VAL B 253 -19.80 7.26 -41.06
CA VAL B 253 -19.09 7.91 -39.96
C VAL B 253 -17.75 7.20 -39.73
N VAL B 254 -16.67 7.97 -39.61
CA VAL B 254 -15.32 7.39 -39.40
C VAL B 254 -14.51 8.09 -38.34
N GLN B 255 -13.57 7.34 -37.79
CA GLN B 255 -12.60 7.85 -36.82
C GLN B 255 -11.39 6.90 -36.92
N ALA B 256 -10.24 7.32 -36.43
CA ALA B 256 -8.98 6.59 -36.63
C ALA B 256 -8.15 6.41 -35.35
N TYR B 257 -8.84 6.05 -34.27
CA TYR B 257 -8.25 5.90 -32.92
C TYR B 257 -7.54 7.17 -32.43
N ALA B 258 -6.21 7.18 -32.42
CA ALA B 258 -5.44 8.19 -31.67
C ALA B 258 -3.95 7.98 -31.85
N PHE B 259 -3.21 9.00 -31.45
CA PHE B 259 -1.74 8.97 -31.31
C PHE B 259 -0.92 8.75 -32.58
N GLY B 260 -1.56 8.91 -33.73
CA GLY B 260 -0.90 8.71 -35.02
C GLY B 260 -0.50 7.27 -35.30
N LYS B 261 -1.11 6.33 -34.59
CA LYS B 261 -0.80 4.90 -34.69
C LYS B 261 -1.45 4.29 -35.94
N TYR B 262 -2.61 4.82 -36.34
CA TYR B 262 -3.27 4.45 -37.59
C TYR B 262 -3.50 5.64 -38.49
N LEU B 263 -3.39 5.43 -39.80
CA LEU B 263 -3.88 6.40 -40.79
C LEU B 263 -5.24 5.90 -41.23
N GLY B 264 -6.27 6.71 -41.05
CA GLY B 264 -7.59 6.40 -41.54
C GLY B 264 -7.63 6.44 -43.07
N TYR B 265 -8.40 5.53 -43.67
CA TYR B 265 -8.44 5.36 -45.13
C TYR B 265 -9.84 4.96 -45.55
N LEU B 266 -10.58 5.88 -46.15
CA LEU B 266 -11.94 5.60 -46.65
C LEU B 266 -12.05 5.96 -48.13
N LYS B 267 -12.42 5.00 -48.96
CA LYS B 267 -12.74 5.25 -50.38
C LYS B 267 -14.25 5.44 -50.48
N ILE B 268 -14.68 6.65 -50.86
CA ILE B 268 -16.09 6.95 -51.15
C ILE B 268 -16.29 6.87 -52.65
N GLU B 269 -17.40 6.28 -53.07
CA GLU B 269 -17.81 6.27 -54.48
C GLU B 269 -19.08 7.12 -54.62
N PHE B 270 -18.95 8.22 -55.35
CA PHE B 270 -20.01 9.20 -55.53
C PHE B 270 -20.63 9.08 -56.92
N ASP B 271 -21.90 9.45 -57.03
CA ASP B 271 -22.51 9.68 -58.36
C ASP B 271 -22.26 11.12 -58.81
N GLU B 272 -22.68 11.43 -60.04
CA GLU B 272 -22.57 12.79 -60.61
C GLU B 272 -23.39 13.88 -59.86
N ARG B 273 -24.24 13.47 -58.92
CA ARG B 273 -25.03 14.35 -58.02
C ARG B 273 -24.47 14.45 -56.57
N GLY B 274 -23.29 13.88 -56.34
CA GLY B 274 -22.63 13.94 -55.03
C GLY B 274 -23.28 13.11 -53.93
N ASN B 275 -24.08 12.12 -54.33
CA ASN B 275 -24.62 11.12 -53.40
C ASN B 275 -23.65 9.94 -53.25
N VAL B 276 -23.56 9.42 -52.05
CA VAL B 276 -22.69 8.28 -51.76
C VAL B 276 -23.39 7.00 -52.20
N ILE B 277 -22.79 6.35 -53.20
CA ILE B 277 -23.26 5.03 -53.70
C ILE B 277 -22.74 3.92 -52.82
N SER B 278 -21.46 4.01 -52.47
CA SER B 278 -20.82 3.06 -51.56
C SER B 278 -19.55 3.66 -51.01
N SER B 279 -19.11 3.09 -49.89
CA SER B 279 -17.84 3.45 -49.29
C SER B 279 -17.26 2.24 -48.59
N HIS B 280 -15.95 2.11 -48.67
CA HIS B 280 -15.23 1.05 -47.98
C HIS B 280 -13.86 1.53 -47.54
N GLY B 281 -13.32 0.83 -46.57
CA GLY B 281 -11.93 1.01 -46.19
C GLY B 281 -11.62 0.42 -44.84
N ASN B 282 -10.51 0.90 -44.29
CA ASN B 282 -10.10 0.54 -42.93
C ASN B 282 -8.97 1.46 -42.51
N PRO B 283 -8.71 1.59 -41.20
CA PRO B 283 -7.55 2.37 -40.79
C PRO B 283 -6.29 1.54 -41.00
N ILE B 284 -5.24 2.18 -41.47
CA ILE B 284 -3.97 1.52 -41.82
C ILE B 284 -3.03 1.60 -40.62
N LEU B 285 -2.57 0.45 -40.14
CA LEU B 285 -1.65 0.40 -39.02
C LEU B 285 -0.27 0.90 -39.46
N LEU B 286 0.18 2.00 -38.87
CA LEU B 286 1.49 2.59 -39.18
C LEU B 286 2.62 1.93 -38.34
N ASN B 287 3.00 0.72 -38.77
CA ASN B 287 4.02 -0.09 -38.08
C ASN B 287 5.37 -0.16 -38.83
N SER B 288 6.34 -0.82 -38.21
CA SER B 288 7.72 -0.94 -38.74
C SER B 288 7.88 -1.43 -40.19
N SER B 289 6.90 -2.15 -40.72
CA SER B 289 6.83 -2.50 -42.16
C SER B 289 6.80 -1.28 -43.09
N ILE B 290 6.23 -0.17 -42.59
CA ILE B 290 6.23 1.12 -43.30
C ILE B 290 7.44 1.92 -42.83
N PRO B 291 8.38 2.20 -43.74
CA PRO B 291 9.57 2.91 -43.29
C PRO B 291 9.26 4.39 -43.03
N GLU B 292 9.98 4.97 -42.08
CA GLU B 292 10.01 6.42 -41.90
C GLU B 292 10.61 7.08 -43.14
N ASP B 293 9.97 8.14 -43.62
CA ASP B 293 10.51 8.90 -44.73
C ASP B 293 11.83 9.51 -44.29
N PRO B 294 12.92 9.31 -45.07
CA PRO B 294 14.22 9.83 -44.65
C PRO B 294 14.26 11.34 -44.40
N SER B 295 13.70 12.12 -45.32
CA SER B 295 13.72 13.60 -45.23
C SER B 295 13.00 14.16 -44.00
N ILE B 296 11.76 13.70 -43.80
CA ILE B 296 10.95 14.11 -42.64
C ILE B 296 11.61 13.70 -41.33
N LYS B 297 12.10 12.47 -41.28
CA LYS B 297 12.84 11.94 -40.11
C LYS B 297 14.06 12.79 -39.77
N ALA B 298 14.80 13.19 -40.79
CA ALA B 298 15.98 14.06 -40.62
C ALA B 298 15.56 15.42 -40.06
N ASP B 299 14.47 15.93 -40.58
CA ASP B 299 13.90 17.19 -40.11
C ASP B 299 13.40 17.05 -38.66
N ILE B 300 12.79 15.91 -38.33
CA ILE B 300 12.34 15.60 -36.96
C ILE B 300 13.54 15.58 -35.99
N ASN B 301 14.61 14.92 -36.39
CA ASN B 301 15.84 14.86 -35.60
C ASN B 301 16.48 16.23 -35.36
N LYS B 302 16.39 17.12 -36.35
CA LYS B 302 16.91 18.49 -36.22
C LYS B 302 16.18 19.24 -35.08
N TRP B 303 14.85 19.17 -35.13
CA TRP B 303 13.97 19.73 -34.10
C TRP B 303 14.05 18.97 -32.77
N ARG B 304 14.37 17.69 -32.83
CA ARG B 304 14.55 16.83 -31.63
C ARG B 304 15.64 17.35 -30.67
N ILE B 305 16.73 17.86 -31.26
CA ILE B 305 17.95 18.27 -30.52
C ILE B 305 17.59 19.06 -29.25
N LYS B 306 16.71 20.05 -29.40
CA LYS B 306 16.31 20.91 -28.27
C LYS B 306 15.62 20.14 -27.14
N LEU B 307 14.89 19.08 -27.51
CA LEU B 307 14.13 18.25 -26.56
C LEU B 307 14.95 17.33 -25.66
N ASP B 308 16.14 16.91 -26.12
CA ASP B 308 16.99 15.92 -25.39
C ASP B 308 17.44 16.34 -23.96
N ASP B 309 17.28 17.61 -23.63
CA ASP B 309 17.45 18.12 -22.26
C ASP B 309 16.50 17.48 -21.23
N TYR B 310 15.28 17.16 -21.65
CA TYR B 310 14.24 16.54 -20.79
C TYR B 310 14.33 14.98 -20.63
N SER B 311 15.16 14.35 -21.44
CA SER B 311 15.37 12.88 -21.43
C SER B 311 16.66 12.44 -20.73
N THR B 312 17.62 13.34 -20.52
CA THR B 312 18.95 12.99 -20.01
C THR B 312 18.94 12.39 -18.60
N GLN B 313 18.41 13.17 -17.65
CA GLN B 313 18.51 12.82 -16.22
C GLN B 313 17.49 11.75 -15.81
N GLU B 314 17.97 10.58 -15.41
CA GLU B 314 17.11 9.50 -14.88
C GLU B 314 16.58 9.87 -13.48
N LEU B 315 15.27 10.08 -13.36
CA LEU B 315 14.64 10.35 -12.06
C LEU B 315 14.62 9.10 -11.19
N GLY B 316 14.32 7.97 -11.81
CA GLY B 316 14.34 6.70 -11.10
C GLY B 316 14.13 5.51 -12.00
N LYS B 317 13.36 4.55 -11.52
CA LYS B 317 13.24 3.25 -12.18
C LYS B 317 11.91 2.60 -11.77
N THR B 318 11.17 2.06 -12.74
CA THR B 318 10.04 1.16 -12.43
C THR B 318 10.40 -0.27 -12.75
N ILE B 319 9.90 -1.20 -11.95
CA ILE B 319 10.08 -2.64 -12.22
C ILE B 319 8.75 -3.31 -12.54
N VAL B 320 7.74 -2.51 -12.80
CA VAL B 320 6.47 -2.99 -13.30
C VAL B 320 5.95 -2.05 -14.38
N TYR B 321 5.16 -2.59 -15.31
CA TYR B 321 4.49 -1.77 -16.32
C TYR B 321 3.60 -0.77 -15.62
N LEU B 322 3.79 0.49 -15.95
CA LEU B 322 2.97 1.58 -15.41
C LEU B 322 1.82 1.85 -16.38
N ASP B 323 0.68 1.24 -16.08
CA ASP B 323 -0.50 1.24 -16.96
C ASP B 323 -1.31 2.55 -16.86
N GLY B 324 -0.89 3.53 -17.64
CA GLY B 324 -1.60 4.81 -17.81
C GLY B 324 -2.43 4.93 -19.08
N SER B 325 -2.91 3.80 -19.59
CA SER B 325 -3.78 3.78 -20.77
C SER B 325 -5.20 4.21 -20.43
N SER B 326 -5.83 4.93 -21.36
CA SER B 326 -7.28 5.24 -21.35
C SER B 326 -8.16 4.02 -21.07
N GLN B 327 -7.81 2.88 -21.64
CA GLN B 327 -8.63 1.68 -21.54
C GLN B 327 -8.64 1.14 -20.13
N SER B 328 -7.52 1.25 -19.42
CA SER B 328 -7.48 0.86 -18.00
C SER B 328 -8.04 1.97 -17.12
N CYS B 329 -7.38 3.13 -17.16
CA CYS B 329 -7.60 4.22 -16.19
C CYS B 329 -8.96 4.93 -16.21
N ARG B 330 -9.72 4.75 -17.28
CA ARG B 330 -11.10 5.28 -17.39
C ARG B 330 -12.19 4.24 -17.07
N PHE B 331 -11.83 2.97 -17.14
CA PHE B 331 -12.76 1.87 -16.91
C PHE B 331 -12.57 1.11 -15.60
N ARG B 332 -11.36 1.12 -15.06
CA ARG B 332 -11.06 0.36 -13.83
C ARG B 332 -9.83 0.91 -13.14
N GLU B 333 -9.51 0.30 -12.00
CA GLU B 333 -8.30 0.65 -11.22
C GLU B 333 -7.08 0.44 -12.08
N CYS B 334 -6.22 1.46 -12.12
CA CYS B 334 -4.97 1.37 -12.83
C CYS B 334 -3.83 1.77 -11.90
N ASN B 335 -2.75 0.99 -11.96
CA ASN B 335 -1.61 1.17 -11.08
C ASN B 335 -0.85 2.51 -11.24
N MET B 336 -0.83 3.07 -12.45
CA MET B 336 -0.33 4.46 -12.62
C MET B 336 -1.20 5.43 -11.81
N GLY B 337 -2.50 5.17 -11.76
CA GLY B 337 -3.43 5.92 -10.92
C GLY B 337 -3.01 5.89 -9.46
N ASN B 338 -2.80 4.68 -8.96
CA ASN B 338 -2.31 4.46 -7.59
C ASN B 338 -0.95 5.10 -7.29
N LEU B 339 -0.04 5.03 -8.25
CA LEU B 339 1.27 5.71 -8.16
C LEU B 339 1.09 7.21 -7.96
N ILE B 340 0.26 7.81 -8.80
CA ILE B 340 0.07 9.26 -8.80
C ILE B 340 -0.57 9.70 -7.47
N CYS B 341 -1.56 8.97 -7.00
CA CYS B 341 -2.26 9.32 -5.74
C CYS B 341 -1.36 9.12 -4.54
N ASP B 342 -0.66 8.00 -4.50
CA ASP B 342 0.31 7.71 -3.46
C ASP B 342 1.42 8.77 -3.38
N ALA B 343 1.82 9.29 -4.52
CA ALA B 343 2.77 10.41 -4.61
C ALA B 343 2.16 11.73 -4.13
N MET B 344 0.92 11.98 -4.52
CA MET B 344 0.16 13.15 -4.04
C MET B 344 0.12 13.16 -2.54
N ILE B 345 -0.33 12.04 -1.97
CA ILE B 345 -0.40 11.85 -0.51
C ILE B 345 0.99 11.99 0.13
N ASN B 346 1.97 11.26 -0.39
CA ASN B 346 3.34 11.21 0.20
C ASN B 346 4.04 12.55 0.21
N ASN B 347 4.04 13.22 -0.95
CA ASN B 347 4.67 14.54 -1.11
C ASN B 347 4.03 15.61 -0.23
N ASN B 348 2.72 15.54 -0.05
CA ASN B 348 2.01 16.47 0.84
C ASN B 348 2.49 16.34 2.29
N LEU B 349 2.70 15.10 2.73
CA LEU B 349 3.19 14.81 4.10
C LEU B 349 4.64 15.27 4.38
N ARG B 350 5.41 15.57 3.33
CA ARG B 350 6.70 16.28 3.44
C ARG B 350 6.53 17.69 4.07
N HIS B 351 5.48 18.41 3.67
CA HIS B 351 5.14 19.73 4.27
C HIS B 351 4.57 19.57 5.69
N THR B 352 5.47 19.43 6.64
CA THR B 352 5.14 19.22 8.06
C THR B 352 4.83 20.54 8.80
N ASP B 353 5.44 21.64 8.38
CA ASP B 353 5.17 22.98 8.95
C ASP B 353 3.71 23.42 8.81
N GLU B 354 3.05 22.99 7.73
CA GLU B 354 1.60 23.19 7.52
C GLU B 354 0.80 22.21 8.37
N MET B 355 0.05 22.75 9.34
CA MET B 355 -0.64 21.94 10.36
C MET B 355 -1.92 21.24 9.86
N PHE B 356 -2.65 21.88 8.95
CA PHE B 356 -4.01 21.44 8.60
C PHE B 356 -4.09 20.18 7.73
N TRP B 357 -3.11 20.01 6.85
CA TRP B 357 -3.12 18.92 5.87
C TRP B 357 -2.09 17.80 6.11
N ASN B 358 -1.40 17.83 7.26
CA ASN B 358 -0.30 16.86 7.49
C ASN B 358 -0.73 15.45 7.98
N HIS B 359 -2.02 15.16 7.99
CA HIS B 359 -2.53 13.78 8.10
C HIS B 359 -3.48 13.41 6.97
N VAL B 360 -3.37 14.12 5.84
CA VAL B 360 -4.19 13.83 4.66
C VAL B 360 -3.75 12.50 4.08
N SER B 361 -4.69 11.58 4.01
CA SER B 361 -4.46 10.22 3.49
C SER B 361 -5.39 9.80 2.35
N MET B 362 -6.26 10.70 1.90
CA MET B 362 -7.28 10.39 0.86
C MET B 362 -7.05 11.19 -0.42
N CYS B 363 -7.14 10.49 -1.55
CA CYS B 363 -6.84 11.07 -2.87
C CYS B 363 -7.88 10.66 -3.87
N ILE B 364 -8.30 11.59 -4.72
CA ILE B 364 -9.08 11.25 -5.92
C ILE B 364 -8.47 11.92 -7.14
N LEU B 365 -8.46 11.17 -8.25
CA LEU B 365 -7.74 11.55 -9.46
C LEU B 365 -8.55 11.15 -10.69
N ASN B 366 -8.89 12.14 -11.51
CA ASN B 366 -9.64 11.89 -12.77
C ASN B 366 -8.78 11.08 -13.72
N GLY B 367 -9.26 9.89 -14.06
CA GLY B 367 -8.54 8.96 -14.94
C GLY B 367 -8.18 9.56 -16.29
N GLY B 368 -9.03 10.45 -16.81
CA GLY B 368 -8.75 11.16 -18.05
C GLY B 368 -7.55 12.09 -18.02
N GLY B 369 -7.10 12.48 -16.83
CA GLY B 369 -5.87 13.27 -16.66
C GLY B 369 -4.57 12.49 -16.80
N ILE B 370 -4.69 11.15 -16.78
CA ILE B 370 -3.59 10.21 -17.02
C ILE B 370 -3.53 9.91 -18.51
N ARG B 371 -2.45 10.35 -19.14
CA ARG B 371 -2.37 10.48 -20.59
C ARG B 371 -1.38 9.56 -21.29
N SER B 372 -0.63 8.78 -20.53
CA SER B 372 0.33 7.86 -21.12
C SER B 372 0.81 6.83 -20.12
N PRO B 373 1.10 5.62 -20.59
CA PRO B 373 1.79 4.65 -19.76
C PRO B 373 3.28 4.85 -19.82
N ILE B 374 4.01 4.14 -18.96
CA ILE B 374 5.49 4.07 -19.00
C ILE B 374 5.93 2.60 -18.98
N ASP B 375 6.87 2.25 -19.84
CA ASP B 375 7.30 0.87 -20.02
C ASP B 375 8.43 0.49 -19.04
N GLU B 376 8.44 -0.79 -18.63
CA GLU B 376 9.41 -1.32 -17.65
C GLU B 376 10.61 -2.11 -18.21
N ARG B 377 10.82 -2.10 -19.53
CA ARG B 377 11.66 -3.12 -20.21
C ARG B 377 13.09 -2.72 -20.60
N ASN B 378 13.39 -1.43 -20.59
CA ASN B 378 14.77 -0.94 -20.81
C ASN B 378 15.45 -0.64 -19.46
N ASP B 379 15.40 -1.63 -18.56
CA ASP B 379 15.62 -1.43 -17.11
C ASP B 379 14.60 -0.42 -16.53
N GLY B 380 13.43 -0.38 -17.17
CA GLY B 380 12.34 0.56 -16.86
C GLY B 380 12.71 1.95 -16.38
N THR B 381 13.51 2.65 -17.20
CA THR B 381 13.98 3.98 -16.84
C THR B 381 12.82 4.97 -16.93
N ILE B 382 12.82 5.92 -16.00
CA ILE B 382 11.85 7.01 -15.97
C ILE B 382 12.61 8.33 -16.02
N THR B 383 12.43 9.05 -17.13
CA THR B 383 12.98 10.39 -17.35
C THR B 383 11.85 11.42 -17.21
N TRP B 384 12.21 12.70 -17.31
CA TRP B 384 11.21 13.79 -17.27
C TRP B 384 10.24 13.70 -18.45
N GLU B 385 10.77 13.38 -19.64
CA GLU B 385 9.99 13.21 -20.87
C GLU B 385 8.90 12.17 -20.70
N ASN B 386 9.27 11.01 -20.18
CA ASN B 386 8.32 9.94 -19.84
C ASN B 386 7.21 10.46 -18.96
N LEU B 387 7.59 11.29 -17.98
CA LEU B 387 6.65 11.86 -17.01
C LEU B 387 5.73 12.94 -17.63
N ALA B 388 6.27 13.75 -18.52
CA ALA B 388 5.52 14.79 -19.25
C ALA B 388 4.34 14.24 -20.04
N ALA B 389 4.53 13.08 -20.65
CA ALA B 389 3.49 12.39 -21.41
C ALA B 389 2.38 11.84 -20.53
N VAL B 390 2.70 11.50 -19.29
CA VAL B 390 1.69 11.00 -18.34
C VAL B 390 0.83 12.18 -17.87
N LEU B 391 1.49 13.31 -17.58
CA LEU B 391 0.86 14.50 -16.99
C LEU B 391 1.21 15.77 -17.81
N PRO B 392 0.58 15.96 -18.99
CA PRO B 392 0.95 17.08 -19.86
C PRO B 392 0.20 18.40 -19.64
N PHE B 393 -0.74 18.43 -18.70
CA PHE B 393 -1.53 19.63 -18.42
C PHE B 393 -0.77 20.73 -17.66
N GLY B 394 0.12 20.33 -16.76
CA GLY B 394 0.89 21.28 -15.94
C GLY B 394 0.08 21.94 -14.82
N GLY B 395 -0.89 21.20 -14.27
CA GLY B 395 -1.70 21.66 -13.14
C GLY B 395 -1.06 21.41 -11.78
N THR B 396 -1.83 21.69 -10.73
CA THR B 396 -1.39 21.47 -9.34
C THR B 396 -2.25 20.43 -8.65
N PHE B 397 -1.67 19.77 -7.65
CA PHE B 397 -2.41 18.84 -6.77
C PHE B 397 -2.90 19.57 -5.51
N ASP B 398 -4.08 20.14 -5.62
CA ASP B 398 -4.65 20.99 -4.57
C ASP B 398 -5.29 20.17 -3.47
N LEU B 399 -5.59 20.85 -2.37
CA LEU B 399 -6.13 20.23 -1.15
C LEU B 399 -7.49 20.80 -0.83
N VAL B 400 -8.48 19.93 -0.66
CA VAL B 400 -9.85 20.35 -0.40
C VAL B 400 -10.43 19.70 0.84
N GLN B 401 -11.25 20.45 1.56
CA GLN B 401 -12.06 19.92 2.65
C GLN B 401 -13.48 19.75 2.13
N LEU B 402 -13.96 18.51 2.13
CA LEU B 402 -15.25 18.13 1.52
C LEU B 402 -16.14 17.41 2.53
N LYS B 403 -17.44 17.64 2.43
CA LYS B 403 -18.41 16.88 3.22
C LYS B 403 -18.50 15.47 2.62
N GLY B 404 -18.95 14.52 3.44
CA GLY B 404 -19.12 13.12 3.03
C GLY B 404 -20.12 12.96 1.90
N SER B 405 -21.24 13.65 2.03
CA SER B 405 -22.29 13.69 1.01
C SER B 405 -21.77 14.20 -0.35
N THR B 406 -20.82 15.15 -0.31
CA THR B 406 -20.16 15.63 -1.54
C THR B 406 -19.39 14.50 -2.22
N LEU B 407 -18.60 13.78 -1.42
CA LEU B 407 -17.78 12.67 -1.94
C LEU B 407 -18.58 11.53 -2.53
N LYS B 408 -19.67 11.15 -1.87
CA LYS B 408 -20.58 10.13 -2.41
C LYS B 408 -21.09 10.60 -3.77
N LYS B 409 -21.51 11.85 -3.83
CA LYS B 409 -22.02 12.46 -5.08
C LYS B 409 -20.97 12.49 -6.20
N ALA B 410 -19.70 12.70 -5.83
CA ALA B 410 -18.57 12.68 -6.78
C ALA B 410 -18.29 11.27 -7.35
N PHE B 411 -18.23 10.30 -6.45
CA PHE B 411 -18.12 8.89 -6.83
C PHE B 411 -19.32 8.32 -7.57
N GLU B 412 -20.49 8.94 -7.40
CA GLU B 412 -21.66 8.64 -8.25
C GLU B 412 -21.52 9.24 -9.63
N HIS B 413 -20.99 10.47 -9.68
CA HIS B 413 -20.68 11.16 -10.94
C HIS B 413 -19.60 10.42 -11.71
N SER B 414 -18.66 9.83 -10.97
CA SER B 414 -17.54 9.03 -11.52
C SER B 414 -17.91 7.87 -12.44
N VAL B 415 -19.12 7.35 -12.31
CA VAL B 415 -19.59 6.21 -13.14
C VAL B 415 -21.00 6.43 -13.71
N HIS B 416 -21.42 7.70 -13.81
CA HIS B 416 -22.80 8.01 -14.20
C HIS B 416 -23.13 7.70 -15.67
N ARG B 417 -22.09 7.70 -16.52
CA ARG B 417 -22.20 7.34 -17.95
C ARG B 417 -21.08 6.35 -18.34
N TYR B 418 -20.92 5.33 -17.51
CA TYR B 418 -19.83 4.35 -17.65
C TYR B 418 -19.96 3.51 -18.92
N GLY B 419 -18.82 3.29 -19.58
CA GLY B 419 -18.77 2.54 -20.86
C GLY B 419 -18.29 3.35 -22.05
N GLN B 420 -18.36 4.68 -21.94
CA GLN B 420 -18.02 5.60 -23.05
C GLN B 420 -16.58 6.13 -23.02
N SER B 421 -15.71 5.51 -22.23
CA SER B 421 -14.31 5.93 -22.08
C SER B 421 -14.21 7.43 -21.81
N THR B 422 -15.00 7.91 -20.85
CA THR B 422 -14.92 9.30 -20.43
C THR B 422 -14.02 9.41 -19.19
N GLY B 423 -13.49 10.62 -19.02
CA GLY B 423 -12.38 10.89 -18.10
C GLY B 423 -12.70 11.16 -16.65
N GLU B 424 -13.97 11.36 -16.33
CA GLU B 424 -14.44 11.57 -14.94
C GLU B 424 -14.16 10.39 -13.99
N PHE B 425 -14.06 9.17 -14.50
CA PHE B 425 -13.76 7.99 -13.67
C PHE B 425 -12.57 8.21 -12.76
N LEU B 426 -12.76 7.96 -11.47
CA LEU B 426 -11.81 8.38 -10.44
C LEU B 426 -10.86 7.29 -9.96
N GLN B 427 -9.58 7.50 -10.25
CA GLN B 427 -8.51 6.76 -9.59
C GLN B 427 -8.39 7.34 -8.19
N VAL B 428 -8.06 6.48 -7.23
CA VAL B 428 -8.14 6.82 -5.79
C VAL B 428 -6.95 6.43 -4.94
N GLY B 429 -6.92 6.97 -3.73
CA GLY B 429 -5.96 6.62 -2.68
C GLY B 429 -6.58 6.84 -1.30
N GLY B 430 -6.30 5.95 -0.36
CA GLY B 430 -6.94 5.98 0.97
C GLY B 430 -8.45 5.81 0.93
N ILE B 431 -8.94 5.28 -0.19
CA ILE B 431 -10.36 5.11 -0.47
C ILE B 431 -10.54 3.72 -1.08
N HIS B 432 -11.46 2.94 -0.52
CA HIS B 432 -11.93 1.68 -1.08
C HIS B 432 -13.39 1.80 -1.52
N VAL B 433 -13.59 1.89 -2.84
CA VAL B 433 -14.91 2.05 -3.44
C VAL B 433 -15.34 0.76 -4.14
N VAL B 434 -16.65 0.50 -4.12
CA VAL B 434 -17.26 -0.65 -4.77
C VAL B 434 -18.48 -0.17 -5.54
N TYR B 435 -18.47 -0.34 -6.86
CA TYR B 435 -19.63 -0.04 -7.73
C TYR B 435 -20.53 -1.25 -8.07
N ASP B 436 -21.83 -1.00 -8.18
CA ASP B 436 -22.80 -1.93 -8.79
C ASP B 436 -23.39 -1.23 -10.03
N LEU B 437 -22.89 -1.61 -11.21
CA LEU B 437 -23.33 -1.01 -12.48
C LEU B 437 -24.76 -1.41 -12.92
N SER B 438 -25.30 -2.50 -12.39
CA SER B 438 -26.70 -2.90 -12.65
C SER B 438 -27.71 -1.87 -12.12
N ARG B 439 -27.29 -1.09 -11.13
CA ARG B 439 -28.09 0.02 -10.58
C ARG B 439 -28.03 1.26 -11.48
N LYS B 440 -28.93 2.22 -11.21
CA LYS B 440 -29.10 3.42 -12.03
C LYS B 440 -28.16 4.55 -11.59
N PRO B 441 -27.80 5.47 -12.53
CA PRO B 441 -26.92 6.62 -12.20
C PRO B 441 -27.44 7.42 -11.02
N GLY B 442 -26.52 7.83 -10.15
CA GLY B 442 -26.85 8.45 -8.86
C GLY B 442 -26.98 7.48 -7.69
N ASP B 443 -27.01 6.17 -7.98
CA ASP B 443 -27.13 5.13 -6.95
C ASP B 443 -26.35 3.87 -7.32
N ARG B 444 -25.22 4.06 -7.99
CA ARG B 444 -24.33 2.96 -8.40
C ARG B 444 -23.23 2.59 -7.40
N VAL B 445 -23.04 3.42 -6.37
CA VAL B 445 -22.03 3.18 -5.33
C VAL B 445 -22.67 2.38 -4.20
N VAL B 446 -22.29 1.10 -4.09
CA VAL B 446 -22.78 0.23 -2.99
C VAL B 446 -21.89 0.20 -1.73
N LYS B 447 -20.59 0.52 -1.88
CA LYS B 447 -19.66 0.56 -0.75
C LYS B 447 -18.62 1.66 -0.96
N LEU B 448 -18.36 2.43 0.09
CA LEU B 448 -17.37 3.51 0.06
C LEU B 448 -16.72 3.64 1.44
N ASP B 449 -15.56 2.98 1.58
CA ASP B 449 -14.77 3.00 2.81
C ASP B 449 -13.56 3.91 2.63
N VAL B 450 -13.31 4.74 3.63
CA VAL B 450 -12.21 5.71 3.58
C VAL B 450 -11.42 5.64 4.88
N LEU B 451 -10.19 6.18 4.83
CA LEU B 451 -9.26 6.09 5.96
C LEU B 451 -9.64 7.10 7.03
N CYS B 452 -9.82 6.61 8.27
CA CYS B 452 -10.12 7.48 9.39
C CYS B 452 -8.94 8.42 9.66
N THR B 453 -9.27 9.68 9.97
CA THR B 453 -8.29 10.70 10.34
C THR B 453 -8.21 10.82 11.87
N LYS B 454 -9.37 10.83 12.52
CA LYS B 454 -9.49 10.96 13.98
C LYS B 454 -9.38 9.58 14.67
N CYS B 455 -8.28 8.90 14.39
CA CYS B 455 -8.00 7.56 14.92
C CYS B 455 -6.47 7.40 14.97
N ARG B 456 -5.98 6.71 15.99
CA ARG B 456 -4.54 6.53 16.20
C ARG B 456 -3.89 5.60 15.17
N VAL B 457 -4.57 4.48 14.89
CA VAL B 457 -4.22 3.53 13.82
C VAL B 457 -5.18 3.73 12.66
N PRO B 458 -4.68 4.12 11.47
CA PRO B 458 -5.59 4.23 10.33
C PRO B 458 -6.14 2.90 9.85
N SER B 459 -7.47 2.81 9.83
CA SER B 459 -8.21 1.73 9.17
C SER B 459 -9.21 2.29 8.17
N TYR B 460 -9.81 1.38 7.40
CA TYR B 460 -10.87 1.74 6.45
C TYR B 460 -12.25 1.56 7.10
N ASP B 461 -12.90 2.68 7.38
CA ASP B 461 -14.25 2.71 7.93
C ASP B 461 -15.20 3.32 6.89
N PRO B 462 -16.52 3.00 6.94
CA PRO B 462 -17.48 3.55 5.95
C PRO B 462 -17.58 5.06 5.99
N LEU B 463 -17.63 5.65 4.81
CA LEU B 463 -17.80 7.09 4.67
C LEU B 463 -19.19 7.44 5.20
N LYS B 464 -19.23 8.33 6.20
CA LYS B 464 -20.49 8.87 6.74
C LYS B 464 -20.83 10.17 6.00
N MET B 465 -22.13 10.34 5.70
CA MET B 465 -22.64 11.44 4.86
C MET B 465 -22.43 12.84 5.47
N ASP B 466 -22.62 12.94 6.79
CA ASP B 466 -22.51 14.23 7.50
C ASP B 466 -21.12 14.52 8.12
N GLU B 467 -20.19 13.57 8.04
CA GLU B 467 -18.79 13.81 8.48
C GLU B 467 -18.04 14.59 7.41
N VAL B 468 -16.87 15.10 7.79
CA VAL B 468 -16.04 15.98 6.95
C VAL B 468 -14.67 15.36 6.73
N TYR B 469 -14.22 15.39 5.48
CA TYR B 469 -13.01 14.69 5.03
C TYR B 469 -12.07 15.65 4.30
N LYS B 470 -10.76 15.37 4.40
CA LYS B 470 -9.73 16.14 3.71
C LYS B 470 -9.17 15.26 2.59
N VAL B 471 -9.26 15.77 1.35
CA VAL B 471 -8.88 15.03 0.15
C VAL B 471 -7.88 15.85 -0.69
N ILE B 472 -6.86 15.15 -1.23
CA ILE B 472 -5.92 15.74 -2.21
C ILE B 472 -6.27 15.30 -3.65
N LEU B 473 -6.30 16.27 -4.56
CA LEU B 473 -6.83 16.07 -5.93
C LEU B 473 -6.28 17.12 -6.89
N PRO B 474 -6.46 16.94 -8.22
CA PRO B 474 -5.98 17.95 -9.14
C PRO B 474 -6.81 19.21 -9.04
N ASN B 475 -6.20 20.35 -9.35
CA ASN B 475 -6.89 21.63 -9.33
C ASN B 475 -8.04 21.68 -10.32
N PHE B 476 -7.89 20.97 -11.43
CA PHE B 476 -8.94 20.80 -12.44
C PHE B 476 -10.25 20.33 -11.82
N LEU B 477 -10.15 19.31 -10.98
CA LEU B 477 -11.31 18.77 -10.27
C LEU B 477 -11.81 19.71 -9.19
N ALA B 478 -10.89 20.25 -8.39
CA ALA B 478 -11.21 21.26 -7.37
C ALA B 478 -11.99 22.46 -7.93
N ASN B 479 -11.57 22.94 -9.10
CA ASN B 479 -12.25 24.00 -9.86
C ASN B 479 -13.56 23.58 -10.60
N GLY B 480 -14.05 22.38 -10.31
CA GLY B 480 -15.32 21.87 -10.85
C GLY B 480 -15.26 21.28 -12.24
N GLY B 481 -14.05 20.92 -12.69
CA GLY B 481 -13.85 20.26 -13.97
C GLY B 481 -14.43 18.85 -13.99
N ASP B 482 -14.47 18.26 -15.20
CA ASP B 482 -15.06 16.93 -15.47
C ASP B 482 -16.50 16.80 -14.94
N GLY B 483 -17.24 17.90 -14.99
CA GLY B 483 -18.61 17.97 -14.47
C GLY B 483 -18.80 17.73 -12.99
N PHE B 484 -17.73 17.83 -12.21
CA PHE B 484 -17.79 17.71 -10.74
C PHE B 484 -18.21 19.06 -10.14
N GLN B 485 -19.43 19.47 -10.48
CA GLN B 485 -20.02 20.70 -9.95
C GLN B 485 -20.06 20.65 -8.43
N MET B 486 -20.45 19.50 -7.89
CA MET B 486 -20.63 19.28 -6.46
C MET B 486 -19.38 19.62 -5.63
N ILE B 487 -18.19 19.40 -6.21
CA ILE B 487 -16.93 19.77 -5.56
C ILE B 487 -16.81 21.29 -5.42
N LYS B 488 -16.86 21.99 -6.55
CA LYS B 488 -16.71 23.46 -6.59
C LYS B 488 -17.70 24.13 -5.64
N ASP B 489 -18.96 23.72 -5.73
CA ASP B 489 -20.06 24.32 -4.97
C ASP B 489 -20.11 23.94 -3.48
N GLU B 490 -19.72 22.70 -3.15
CA GLU B 490 -19.87 22.17 -1.78
C GLU B 490 -18.56 22.00 -0.99
N LEU B 491 -17.42 22.33 -1.56
CA LEU B 491 -16.17 22.30 -0.80
C LEU B 491 -16.19 23.39 0.28
N LEU B 492 -15.54 23.09 1.40
CA LEU B 492 -15.46 23.95 2.60
C LEU B 492 -14.17 24.74 2.69
N ARG B 493 -13.09 24.14 2.21
CA ARG B 493 -11.79 24.80 2.07
C ARG B 493 -11.12 24.27 0.80
N HIS B 494 -10.28 25.12 0.20
CA HIS B 494 -9.53 24.78 -1.01
C HIS B 494 -8.19 25.52 -1.01
N ASP B 495 -7.10 24.76 -0.83
CA ASP B 495 -5.72 25.29 -0.83
C ASP B 495 -4.94 24.82 -2.05
N SER B 496 -4.27 25.76 -2.71
CA SER B 496 -3.44 25.46 -3.88
C SER B 496 -2.16 24.77 -3.45
N GLY B 497 -1.87 23.64 -4.09
CA GLY B 497 -0.73 22.78 -3.74
C GLY B 497 0.40 22.81 -4.76
N ASP B 498 1.16 21.71 -4.80
CA ASP B 498 2.37 21.63 -5.63
C ASP B 498 2.10 21.21 -7.08
N GLN B 499 3.08 21.49 -7.94
CA GLN B 499 2.95 21.25 -9.38
C GLN B 499 2.92 19.73 -9.63
N ASP B 500 1.94 19.29 -10.41
CA ASP B 500 1.67 17.85 -10.56
C ASP B 500 2.90 16.97 -10.88
N ILE B 501 3.63 17.35 -11.92
CA ILE B 501 4.79 16.60 -12.42
C ILE B 501 5.95 16.61 -11.41
N ASN B 502 6.11 17.71 -10.70
CA ASN B 502 7.10 17.79 -9.65
C ASN B 502 6.78 16.83 -8.51
N VAL B 503 5.52 16.78 -8.10
CA VAL B 503 5.09 15.83 -7.06
C VAL B 503 5.48 14.40 -7.40
N VAL B 504 5.21 13.99 -8.64
CA VAL B 504 5.48 12.60 -9.09
C VAL B 504 6.97 12.35 -9.34
N SER B 505 7.69 13.35 -9.85
CA SER B 505 9.15 13.22 -10.02
C SER B 505 9.82 13.09 -8.64
N THR B 506 9.43 13.97 -7.71
CA THR B 506 9.95 13.98 -6.33
C THR B 506 9.74 12.64 -5.64
N TYR B 507 8.55 12.08 -5.81
CA TYR B 507 8.22 10.76 -5.27
C TYR B 507 9.11 9.66 -5.84
N ILE B 508 9.21 9.63 -7.16
CA ILE B 508 10.02 8.63 -7.87
C ILE B 508 11.50 8.74 -7.48
N SER B 509 12.01 9.96 -7.42
CA SER B 509 13.39 10.24 -6.98
C SER B 509 13.64 9.72 -5.58
N LYS B 510 12.67 9.94 -4.69
CA LYS B 510 12.71 9.47 -3.30
C LYS B 510 12.69 7.94 -3.21
N MET B 511 11.72 7.32 -3.88
CA MET B 511 11.57 5.86 -3.85
C MET B 511 12.67 5.09 -4.55
N LYS B 512 13.30 5.72 -5.55
CA LYS B 512 14.30 5.09 -6.45
C LYS B 512 13.67 4.03 -7.37
N VAL B 513 13.18 2.94 -6.77
CA VAL B 513 12.52 1.84 -7.50
C VAL B 513 11.04 1.76 -7.12
N ILE B 514 10.17 1.91 -8.11
CA ILE B 514 8.71 1.80 -7.91
C ILE B 514 8.09 0.53 -8.51
N TYR B 515 6.99 0.12 -7.90
CA TYR B 515 6.29 -1.13 -8.19
C TYR B 515 4.81 -1.08 -7.79
N PRO B 516 4.09 -0.01 -8.18
CA PRO B 516 2.71 0.09 -7.77
C PRO B 516 1.88 -1.05 -8.37
N ALA B 517 1.01 -1.59 -7.54
CA ALA B 517 0.12 -2.70 -7.90
C ALA B 517 -1.33 -2.23 -8.08
N VAL B 518 -2.15 -3.13 -8.60
CA VAL B 518 -3.62 -3.04 -8.57
C VAL B 518 -4.06 -3.83 -7.35
N GLU B 519 -4.63 -3.13 -6.36
CA GLU B 519 -4.84 -3.68 -5.00
C GLU B 519 -6.30 -3.92 -4.60
N GLY B 520 -7.25 -3.57 -5.47
CA GLY B 520 -8.68 -3.64 -5.13
C GLY B 520 -9.19 -2.40 -4.38
N ARG B 521 -8.61 -1.25 -4.72
CA ARG B 521 -9.14 0.06 -4.31
C ARG B 521 -10.49 0.36 -4.98
N ILE B 522 -10.63 -0.04 -6.25
CA ILE B 522 -11.87 0.11 -7.00
C ILE B 522 -12.34 -1.27 -7.45
N LYS B 523 -13.51 -1.68 -6.95
CA LYS B 523 -14.11 -2.98 -7.26
C LYS B 523 -15.51 -2.85 -7.88
N PHE B 524 -15.93 -3.88 -8.61
CA PHE B 524 -17.27 -3.93 -9.20
C PHE B 524 -18.06 -5.12 -8.66
N SER B 525 -19.38 -4.98 -8.67
CA SER B 525 -20.31 -5.99 -8.17
C SER B 525 -21.35 -6.32 -9.24
ZN ZN C . 8.28 -13.78 27.85
ZN ZN D . 8.26 -17.34 27.86
CA CA E . 1.58 -28.28 52.21
C1 NAG F . -2.48 4.31 40.04
C2 NAG F . -3.39 5.50 39.67
C3 NAG F . -4.56 5.70 40.63
C4 NAG F . -5.30 4.38 40.86
C5 NAG F . -4.25 3.35 41.31
C6 NAG F . -4.85 1.99 41.64
C7 NAG F . -2.13 7.27 38.44
C8 NAG F . -2.29 6.68 37.06
N2 NAG F . -2.63 6.73 39.56
O3 NAG F . -5.45 6.61 40.04
O4 NAG F . -6.38 4.52 41.79
O5 NAG F . -3.30 3.17 40.27
O6 NAG F . -5.46 1.46 40.48
O7 NAG F . -1.49 8.33 38.52
C2 VPG G . 16.21 -17.42 19.54
C3 VPG G . 17.57 -17.69 19.51
C4 VPG G . 18.07 -18.65 18.63
C5 VPG G . 17.22 -19.32 17.76
C6 VPG G . 15.87 -19.04 17.78
C7 VPG G . 15.35 -18.10 18.66
C8 VPG G . 13.87 -17.83 18.63
C12 VPG G . 11.10 -14.94 15.87
C15 VPG G . 9.94 -15.92 17.62
C16 VPG G . 11.11 -16.65 17.99
C17 VPG G . 10.76 -17.43 19.11
C23 VPG G . 6.46 -17.39 21.62
O28 VPG G . 6.18 -15.18 25.71
O29 VPG G . 8.41 -16.68 26.00
C30 VPG G . 6.17 -17.73 19.25
C32 VPG G . 6.73 -16.99 18.01
CL1 VPG G . 15.63 -16.23 20.66
N9 VPG G . 13.50 -17.07 17.42
C10 VPG G . 12.28 -16.44 17.21
N11 VPG G . 12.20 -15.60 16.18
CL13 VPG G . 11.17 -13.87 14.49
N14 VPG G . 9.98 -15.09 16.58
N18 VPG G . 9.52 -17.23 19.40
N19 VPG G . 8.99 -16.30 18.53
C20 VPG G . 7.62 -15.88 18.62
O21 VPG G . 7.32 -15.80 20.04
C22 VPG G . 6.22 -16.66 20.33
O24 VPG G . 6.34 -16.48 22.68
C25 VPG G . 6.55 -17.14 23.93
P26 VPG G . 7.39 -15.95 24.98
O27 VPG G . 8.20 -14.99 24.19
O31 VPG G . 4.81 -18.17 19.06
O33 VPG G . 5.70 -16.39 17.22
P PO4 H . 26.12 -7.76 40.92
O1 PO4 H . 24.95 -7.48 41.82
O2 PO4 H . 27.03 -8.73 41.66
O3 PO4 H . 26.79 -6.44 40.59
O4 PO4 H . 25.68 -8.39 39.61
ZN ZN I . -7.44 14.28 -27.73
ZN ZN J . -10.51 16.12 -27.74
CA CA K . -24.20 15.05 -51.47
C1 NAG L . 2.32 -4.61 -39.74
C2 NAG L . 2.97 -5.93 -39.35
C3 NAG L . 2.63 -7.05 -40.33
C4 NAG L . 1.12 -7.20 -40.42
C5 NAG L . 0.53 -5.84 -40.80
C6 NAG L . -1.00 -5.86 -40.78
C7 NAG L . 5.15 -5.93 -38.11
C8 NAG L . 4.65 -6.58 -36.83
N2 NAG L . 4.39 -5.68 -39.18
O3 NAG L . 3.15 -8.23 -39.80
O4 NAG L . 0.73 -8.28 -41.27
O5 NAG L . 0.94 -4.86 -39.86
O6 NAG L . -1.51 -4.60 -40.37
O7 NAG L . 6.35 -5.62 -38.15
C2 VPG M . -6.08 23.46 -19.59
C3 VPG M . -5.77 24.82 -19.53
C4 VPG M . -6.62 25.68 -18.88
C5 VPG M . -7.78 25.23 -18.29
C6 VPG M . -8.11 23.89 -18.36
C7 VPG M . -7.26 22.99 -19.00
C8 VPG M . -7.65 21.54 -19.03
C12 VPG M . -6.99 17.70 -16.15
C15 VPG M . -8.21 17.25 -18.07
C16 VPG M . -8.10 18.60 -18.46
C17 VPG M . -8.78 18.69 -19.69
C23 VPG M . -11.19 14.55 -22.14
O28 VPG M . -8.62 13.82 -26.06
O29 VPG M . -9.94 16.08 -25.84
C30 VPG M . -11.63 14.80 -19.68
C32 VPG M . -10.70 15.10 -18.47
CL1 VPG M . -4.96 22.41 -20.42
N9 VPG M . -7.19 20.85 -17.82
C10 VPG M . -7.39 19.49 -17.59
N11 VPG M . -6.88 18.98 -16.47
CL13 VPG M . -6.29 17.13 -14.66
N14 VPG M . -7.64 16.85 -16.93
N18 VPG M . -9.24 17.54 -20.02
N19 VPG M . -8.90 16.63 -19.05
C20 VPG M . -9.29 15.23 -19.12
O21 VPG M . -9.40 14.83 -20.51
C22 VPG M . -10.68 14.22 -20.73
O24 VPG M . -10.65 13.56 -23.04
C25 VPG M . -10.89 13.80 -24.44
P26 VPG M . -9.49 14.74 -25.08
O27 VPG M . -8.62 15.08 -23.94
O31 VPG M . -12.64 13.86 -19.36
O33 VPG M . -10.67 14.07 -17.49
P PO4 N . 6.47 26.39 -41.48
O1 PO4 N . 5.30 26.62 -40.55
O2 PO4 N . 6.12 25.47 -42.63
O3 PO4 N . 7.60 25.77 -40.68
O4 PO4 N . 6.87 27.73 -42.06
#